data_5B1S
#
_entry.id   5B1S
#
_cell.length_a   44.484
_cell.length_b   68.163
_cell.length_c   94.458
_cell.angle_alpha   87.91
_cell.angle_beta   87.18
_cell.angle_gamma   80.27
#
_symmetry.space_group_name_H-M   'P 1'
#
loop_
_entity.id
_entity.type
_entity.pdbx_description
1 polymer 'Spermidine synthase, putative'
2 non-polymer "5'-[(S)-(3-AMINOPROPYL)(METHYL)-LAMBDA~4~-SULFANYL]-5'-DEOXYADENOSINE"
3 non-polymer 2-(2-fluorophenyl)ethanamine
4 water water
#
_entity_poly.entity_id   1
_entity_poly.type   'polypeptide(L)'
_entity_poly.pdbx_seq_one_letter_code
;MAHHHHHHMPGSELISGGWFREENDQWPGQAMSLRVEKVLYDAPTKFQHLTIFESDPKGPWGTVMALDGCIQVTDYDEFV
YHEVLGHTSLCSHPKPERVLIIGGGDGGVLREVLRHGTVEHCDLVDIDGEVMEQSKQHFPQISRSLADPRATVRVGDGLA
FVRQTPDNTYDVVIIDTTDPAGPASKLFGEAFYKDVLRILKPDGICCNQGESIWLDLELIEKMSRFIRETGFASVQYALM
HVPTYPCGSIGTLVCSKKAGVDVTKPLRPVEDMPFAKDLKYYDSEMHKASFALPRFARHINNSE
;
_entity_poly.pdbx_strand_id   A,B,C,D
#
# COMPACT_ATOMS: atom_id res chain seq x y z
N MET A 9 16.14 -18.10 7.21
CA MET A 9 15.54 -16.71 7.00
C MET A 9 14.09 -16.58 7.60
N PRO A 10 13.00 -16.95 6.87
CA PRO A 10 11.71 -16.80 7.58
C PRO A 10 11.19 -18.01 8.38
N GLY A 11 10.25 -17.73 9.29
CA GLY A 11 9.70 -18.73 10.22
C GLY A 11 8.26 -18.54 10.65
N SER A 12 7.99 -18.67 11.95
CA SER A 12 6.62 -18.59 12.41
C SER A 12 6.00 -17.21 12.20
N GLU A 13 6.84 -16.19 12.10
CA GLU A 13 6.31 -14.81 11.95
C GLU A 13 5.53 -14.56 10.64
N LEU A 14 5.54 -15.49 9.72
CA LEU A 14 4.72 -15.30 8.51
C LEU A 14 3.25 -15.56 8.68
N ILE A 15 2.84 -16.09 9.83
CA ILE A 15 1.47 -16.18 10.19
C ILE A 15 1.11 -15.00 11.09
N SER A 16 0.11 -14.25 10.62
CA SER A 16 -0.34 -13.03 11.30
C SER A 16 -1.75 -12.68 10.86
N GLY A 17 -2.60 -12.19 11.76
CA GLY A 17 -3.85 -11.71 11.28
C GLY A 17 -4.77 -12.84 10.84
N GLY A 18 -4.35 -14.10 11.05
CA GLY A 18 -5.19 -15.21 10.68
C GLY A 18 -4.80 -15.68 9.28
N TRP A 19 -3.73 -15.14 8.79
CA TRP A 19 -3.27 -15.51 7.38
C TRP A 19 -1.79 -15.91 7.34
N PHE A 20 -1.42 -16.83 6.43
CA PHE A 20 -0.06 -17.05 6.21
C PHE A 20 0.36 -16.23 5.00
N ARG A 21 1.39 -15.43 5.14
CA ARG A 21 1.95 -14.57 4.02
C ARG A 21 3.34 -14.97 3.54
N GLU A 22 3.44 -15.32 2.26
CA GLU A 22 4.63 -15.93 1.71
C GLU A 22 5.57 -14.84 1.29
N GLU A 23 5.98 -14.02 2.24
CA GLU A 23 6.94 -12.94 2.00
C GLU A 23 8.35 -13.54 1.98
N ASN A 24 9.19 -13.17 1.01
CA ASN A 24 10.51 -13.77 0.86
C ASN A 24 11.37 -12.90 -0.01
N ASP A 25 12.64 -12.68 0.35
CA ASP A 25 13.47 -11.94 -0.48
C ASP A 25 13.83 -12.61 -1.81
N GLN A 26 13.40 -13.87 -1.97
CA GLN A 26 13.55 -14.52 -3.29
C GLN A 26 12.51 -14.05 -4.28
N TRP A 27 11.48 -13.36 -3.78
CA TRP A 27 10.49 -12.70 -4.66
C TRP A 27 10.05 -11.38 -4.04
N PRO A 28 10.95 -10.40 -4.10
CA PRO A 28 10.63 -9.18 -3.40
C PRO A 28 9.38 -8.48 -3.89
N GLY A 29 8.70 -7.89 -2.92
CA GLY A 29 7.48 -7.11 -3.27
C GLY A 29 6.18 -7.84 -3.50
N GLN A 30 6.09 -9.16 -3.38
CA GLN A 30 4.92 -9.85 -3.62
C GLN A 30 4.82 -10.94 -2.56
N ALA A 31 3.59 -11.39 -2.40
CA ALA A 31 3.38 -12.53 -1.48
C ALA A 31 2.02 -13.13 -1.70
N MET A 32 1.97 -14.44 -1.88
CA MET A 32 0.77 -15.11 -1.82
C MET A 32 0.36 -15.28 -0.37
N SER A 33 -0.92 -15.10 -0.10
CA SER A 33 -1.49 -15.21 1.29
C SER A 33 -2.62 -16.19 1.29
N LEU A 34 -2.65 -17.09 2.31
CA LEU A 34 -3.71 -18.05 2.50
C LEU A 34 -4.20 -17.85 3.95
N ARG A 35 -5.51 -17.89 4.06
CA ARG A 35 -6.18 -17.86 5.43
C ARG A 35 -5.87 -19.16 6.21
N VAL A 36 -5.54 -19.00 7.50
CA VAL A 36 -5.14 -20.17 8.31
C VAL A 36 -6.31 -20.59 9.21
N GLU A 37 -6.85 -21.79 9.05
CA GLU A 37 -7.90 -22.22 9.96
C GLU A 37 -7.26 -22.82 11.24
N LYS A 38 -6.19 -23.59 11.08
CA LYS A 38 -5.55 -24.31 12.20
C LYS A 38 -4.10 -24.61 11.82
N VAL A 39 -3.18 -24.15 12.64
CA VAL A 39 -1.79 -24.62 12.58
C VAL A 39 -1.64 -26.03 13.06
N LEU A 40 -1.03 -26.86 12.23
CA LEU A 40 -0.82 -28.29 12.52
C LEU A 40 0.59 -28.65 12.93
N TYR A 41 1.58 -27.90 12.44
CA TYR A 41 2.98 -28.05 12.81
C TYR A 41 3.64 -26.75 12.57
N ASP A 42 4.54 -26.38 13.48
CA ASP A 42 5.28 -25.16 13.28
C ASP A 42 6.55 -25.09 14.09
N ALA A 43 7.68 -25.38 13.48
CA ALA A 43 8.92 -25.53 14.27
C ALA A 43 10.13 -25.75 13.40
N PRO A 44 11.33 -25.32 13.85
CA PRO A 44 12.55 -25.79 13.25
C PRO A 44 12.69 -27.32 13.27
N THR A 45 13.15 -27.84 12.14
CA THR A 45 13.77 -29.16 12.10
C THR A 45 15.26 -29.10 12.24
N LYS A 46 15.96 -30.23 12.05
CA LYS A 46 17.42 -30.15 11.97
C LYS A 46 17.93 -29.16 10.90
N PHE A 47 17.12 -28.92 9.85
CA PHE A 47 17.62 -28.18 8.70
C PHE A 47 16.78 -26.98 8.30
N GLN A 48 15.46 -27.01 8.55
CA GLN A 48 14.54 -26.02 7.92
C GLN A 48 13.44 -25.67 8.87
N HIS A 49 12.80 -24.51 8.67
CA HIS A 49 11.57 -24.24 9.39
C HIS A 49 10.41 -24.90 8.68
N LEU A 50 9.69 -25.77 9.34
CA LEU A 50 8.61 -26.44 8.75
C LEU A 50 7.28 -25.97 9.32
N THR A 51 6.40 -25.50 8.44
CA THR A 51 5.05 -25.03 8.86
C THR A 51 3.98 -25.79 8.09
N ILE A 52 3.01 -26.39 8.76
CA ILE A 52 1.89 -27.08 8.14
C ILE A 52 0.64 -26.51 8.73
N PHE A 53 -0.32 -26.15 7.88
CA PHE A 53 -1.61 -25.60 8.37
C PHE A 53 -2.80 -26.04 7.52
N GLU A 54 -3.99 -26.06 8.09
CA GLU A 54 -5.20 -26.30 7.38
C GLU A 54 -5.67 -24.92 6.96
N SER A 55 -5.87 -24.76 5.65
CA SER A 55 -6.35 -23.50 5.13
C SER A 55 -7.88 -23.34 5.31
N ASP A 56 -8.42 -22.16 4.96
CA ASP A 56 -9.86 -21.89 5.05
C ASP A 56 -10.71 -22.98 4.45
N PRO A 57 -11.57 -23.65 5.23
CA PRO A 57 -12.41 -24.63 4.55
C PRO A 57 -13.37 -24.02 3.53
N LYS A 58 -13.49 -22.67 3.53
CA LYS A 58 -14.30 -21.95 2.57
C LYS A 58 -13.60 -21.84 1.20
N GLY A 59 -12.29 -22.06 1.21
CA GLY A 59 -11.45 -22.12 -0.01
C GLY A 59 -11.09 -23.57 -0.33
N PRO A 60 -10.40 -23.78 -1.45
CA PRO A 60 -10.17 -25.11 -1.96
C PRO A 60 -8.84 -25.79 -1.52
N TRP A 61 -7.97 -25.02 -0.90
CA TRP A 61 -6.51 -25.39 -0.76
C TRP A 61 -6.22 -26.51 0.18
N GLY A 62 -7.11 -26.72 1.18
CA GLY A 62 -6.82 -27.83 2.08
C GLY A 62 -5.61 -27.59 2.96
N THR A 63 -4.85 -28.66 3.25
CA THR A 63 -3.74 -28.56 4.03
C THR A 63 -2.58 -27.98 3.20
N VAL A 64 -1.70 -27.24 3.84
CA VAL A 64 -0.60 -26.51 3.18
C VAL A 64 0.69 -26.76 3.93
N MET A 65 1.80 -27.04 3.22
CA MET A 65 3.09 -27.14 3.83
C MET A 65 4.03 -26.09 3.36
N ALA A 66 4.81 -25.49 4.23
CA ALA A 66 5.90 -24.57 3.85
C ALA A 66 7.25 -24.96 4.51
N LEU A 67 8.36 -24.71 3.80
CA LEU A 67 9.71 -24.91 4.31
C LEU A 67 10.41 -23.59 4.20
N ASP A 68 10.96 -23.11 5.35
CA ASP A 68 11.67 -21.86 5.31
C ASP A 68 10.75 -20.80 4.68
N GLY A 69 9.46 -20.91 4.94
CA GLY A 69 8.45 -19.89 4.57
C GLY A 69 7.93 -20.03 3.17
N CYS A 70 8.42 -21.04 2.46
CA CYS A 70 8.12 -21.17 0.98
C CYS A 70 7.12 -22.33 0.87
N ILE A 71 5.94 -22.05 0.30
CA ILE A 71 4.92 -23.05 0.12
C ILE A 71 5.50 -24.18 -0.74
N GLN A 72 5.30 -25.39 -0.24
CA GLN A 72 5.81 -26.62 -0.91
C GLN A 72 4.72 -27.40 -1.62
N VAL A 73 3.61 -27.65 -0.94
CA VAL A 73 2.50 -28.40 -1.40
C VAL A 73 1.21 -27.85 -0.82
N THR A 74 0.15 -27.96 -1.55
CA THR A 74 -1.29 -27.89 -0.98
C THR A 74 -2.05 -29.08 -1.45
N ASP A 75 -3.09 -29.47 -0.74
CA ASP A 75 -3.88 -30.64 -1.17
C ASP A 75 -4.50 -30.38 -2.56
N TYR A 76 -4.88 -29.15 -2.91
CA TYR A 76 -5.74 -28.94 -4.06
C TYR A 76 -4.91 -29.03 -5.37
N ASP A 77 -3.65 -28.54 -5.32
CA ASP A 77 -2.91 -28.49 -6.61
C ASP A 77 -1.62 -29.31 -6.63
N GLU A 78 -1.36 -30.14 -5.62
CA GLU A 78 -0.09 -30.90 -5.60
C GLU A 78 0.08 -31.80 -6.81
N PHE A 79 -1.03 -32.32 -7.39
CA PHE A 79 -0.91 -33.31 -8.44
C PHE A 79 -0.23 -32.74 -9.67
N VAL A 80 -0.18 -31.38 -9.83
CA VAL A 80 0.38 -30.85 -11.10
C VAL A 80 1.91 -31.13 -11.14
N TYR A 81 2.62 -30.60 -10.20
CA TYR A 81 4.05 -30.78 -10.23
C TYR A 81 4.49 -32.20 -10.05
N HIS A 82 3.76 -32.94 -9.21
CA HIS A 82 4.12 -34.34 -9.07
C HIS A 82 3.96 -35.19 -10.32
N GLU A 83 2.79 -34.97 -11.00
CA GLU A 83 2.57 -35.64 -12.29
C GLU A 83 3.54 -35.19 -13.37
N VAL A 84 3.79 -33.86 -13.46
CA VAL A 84 4.63 -33.39 -14.55
C VAL A 84 6.07 -33.99 -14.38
N LEU A 85 6.64 -33.85 -13.17
CA LEU A 85 8.02 -34.38 -12.99
C LEU A 85 8.08 -35.85 -13.16
N GLY A 86 7.12 -36.58 -12.56
CA GLY A 86 7.22 -38.03 -12.65
C GLY A 86 6.99 -38.57 -14.09
N HIS A 87 6.00 -38.04 -14.78
CA HIS A 87 5.60 -38.62 -16.09
C HIS A 87 6.36 -38.00 -17.24
N THR A 88 6.70 -36.69 -17.18
CA THR A 88 7.43 -36.14 -18.33
C THR A 88 8.74 -36.83 -18.43
N SER A 89 9.42 -37.05 -17.30
CA SER A 89 10.69 -37.80 -17.35
C SER A 89 10.60 -39.27 -17.70
N LEU A 90 9.72 -40.00 -16.99
CA LEU A 90 9.66 -41.42 -17.31
C LEU A 90 9.08 -41.74 -18.72
N CYS A 91 8.15 -40.89 -19.18
CA CYS A 91 7.60 -41.15 -20.55
C CYS A 91 8.56 -40.72 -21.64
N SER A 92 9.70 -40.11 -21.23
CA SER A 92 10.75 -39.75 -22.20
C SER A 92 11.83 -40.80 -22.25
N HIS A 93 11.75 -41.82 -21.38
CA HIS A 93 12.81 -42.81 -21.36
C HIS A 93 12.31 -44.11 -21.98
N PRO A 94 13.23 -44.90 -22.58
CA PRO A 94 12.66 -46.10 -23.28
C PRO A 94 12.21 -47.25 -22.38
N LYS A 95 12.76 -47.34 -21.16
CA LYS A 95 12.42 -48.42 -20.23
C LYS A 95 13.06 -48.06 -18.87
N PRO A 96 12.34 -47.22 -18.14
CA PRO A 96 12.97 -46.71 -16.89
C PRO A 96 12.72 -47.73 -15.77
N GLU A 97 13.82 -48.37 -15.37
CA GLU A 97 13.69 -49.42 -14.33
C GLU A 97 14.18 -48.99 -12.98
N ARG A 98 15.24 -48.17 -12.97
CA ARG A 98 15.84 -47.71 -11.75
C ARG A 98 15.84 -46.20 -11.67
N VAL A 99 15.19 -45.65 -10.63
CA VAL A 99 14.96 -44.20 -10.55
C VAL A 99 15.46 -43.67 -9.21
N LEU A 100 16.07 -42.48 -9.23
CA LEU A 100 16.46 -41.84 -8.01
C LEU A 100 15.69 -40.49 -7.88
N ILE A 101 15.12 -40.24 -6.70
CA ILE A 101 14.57 -38.92 -6.38
C ILE A 101 15.51 -38.31 -5.32
N ILE A 102 15.99 -37.12 -5.61
CA ILE A 102 16.70 -36.34 -4.58
C ILE A 102 15.72 -35.28 -4.10
N GLY A 103 15.60 -35.15 -2.76
CA GLY A 103 14.52 -34.33 -2.19
C GLY A 103 13.24 -35.17 -2.19
N GLY A 104 12.13 -34.49 -2.43
CA GLY A 104 10.84 -35.18 -2.65
C GLY A 104 10.34 -35.93 -1.39
N GLY A 105 10.76 -35.46 -0.23
CA GLY A 105 10.37 -36.16 1.00
C GLY A 105 8.91 -36.20 1.32
N ASP A 106 8.09 -35.39 0.67
CA ASP A 106 6.64 -35.58 0.76
C ASP A 106 6.09 -36.82 0.12
N GLY A 107 6.86 -37.39 -0.84
CA GLY A 107 6.53 -38.60 -1.54
C GLY A 107 5.70 -38.46 -2.79
N GLY A 108 5.34 -37.22 -3.16
CA GLY A 108 4.44 -37.02 -4.34
C GLY A 108 5.02 -37.50 -5.66
N VAL A 109 6.29 -37.08 -5.92
CA VAL A 109 6.90 -37.61 -7.20
C VAL A 109 7.00 -39.12 -7.12
N LEU A 110 7.34 -39.68 -5.96
CA LEU A 110 7.50 -41.15 -5.85
C LEU A 110 6.17 -41.87 -6.12
N ARG A 111 5.10 -41.23 -5.65
CA ARG A 111 3.74 -41.75 -5.94
C ARG A 111 3.60 -41.91 -7.46
N GLU A 112 3.96 -40.83 -8.19
CA GLU A 112 3.76 -40.86 -9.60
C GLU A 112 4.70 -41.82 -10.33
N VAL A 113 6.00 -41.84 -9.94
CA VAL A 113 6.94 -42.79 -10.51
C VAL A 113 6.42 -44.23 -10.36
N LEU A 114 5.86 -44.52 -9.18
CA LEU A 114 5.51 -45.95 -8.92
C LEU A 114 4.25 -46.36 -9.66
N ARG A 115 3.55 -45.44 -10.29
CA ARG A 115 2.47 -45.93 -11.22
C ARG A 115 3.05 -46.73 -12.45
N HIS A 116 4.28 -46.46 -12.88
CA HIS A 116 4.86 -47.06 -14.04
C HIS A 116 5.29 -48.49 -13.71
N GLY A 117 4.71 -49.39 -14.48
CA GLY A 117 5.10 -50.82 -14.40
C GLY A 117 6.51 -51.18 -14.73
N THR A 118 7.23 -50.32 -15.43
CA THR A 118 8.63 -50.64 -15.79
C THR A 118 9.52 -50.47 -14.54
N VAL A 119 9.08 -49.68 -13.55
CA VAL A 119 10.02 -49.33 -12.47
C VAL A 119 10.22 -50.52 -11.52
N GLU A 120 11.44 -51.02 -11.42
CA GLU A 120 11.83 -52.06 -10.45
C GLU A 120 12.08 -51.46 -9.07
N HIS A 121 12.68 -50.26 -9.03
CA HIS A 121 13.10 -49.73 -7.72
C HIS A 121 13.32 -48.22 -7.86
N CYS A 122 12.92 -47.49 -6.82
CA CYS A 122 13.13 -46.02 -6.78
C CYS A 122 13.77 -45.75 -5.44
N ASP A 123 14.94 -45.12 -5.49
CA ASP A 123 15.57 -44.61 -4.28
C ASP A 123 15.19 -43.19 -4.02
N LEU A 124 14.97 -42.77 -2.79
CA LEU A 124 14.61 -41.34 -2.52
C LEU A 124 15.46 -40.87 -1.35
N VAL A 125 16.14 -39.74 -1.50
CA VAL A 125 17.08 -39.25 -0.45
C VAL A 125 16.75 -37.80 -0.22
N ASP A 126 16.27 -37.49 1.00
CA ASP A 126 15.84 -36.13 1.42
C ASP A 126 16.57 -35.84 2.68
N ILE A 127 17.10 -34.65 2.76
CA ILE A 127 17.92 -34.25 3.90
C ILE A 127 17.16 -34.13 5.21
N ASP A 128 15.83 -34.02 5.16
CA ASP A 128 15.05 -33.64 6.34
C ASP A 128 14.02 -34.69 6.69
N GLY A 129 14.44 -35.56 7.64
CA GLY A 129 13.56 -36.66 8.00
C GLY A 129 12.19 -36.27 8.52
N GLU A 130 12.12 -35.06 9.07
CA GLU A 130 10.87 -34.49 9.59
C GLU A 130 9.82 -34.17 8.51
N VAL A 131 10.32 -33.88 7.30
CA VAL A 131 9.37 -33.73 6.21
C VAL A 131 8.62 -35.01 5.86
N MET A 132 9.33 -36.16 5.81
CA MET A 132 8.67 -37.44 5.57
C MET A 132 7.73 -37.75 6.69
N GLU A 133 8.15 -37.46 7.92
CA GLU A 133 7.25 -37.83 9.05
C GLU A 133 5.93 -37.04 9.06
N GLN A 134 6.07 -35.77 8.78
CA GLN A 134 4.92 -34.91 8.73
C GLN A 134 4.07 -35.07 7.51
N SER A 135 4.67 -35.42 6.41
CA SER A 135 3.87 -35.76 5.24
C SER A 135 3.03 -37.04 5.43
N LYS A 136 3.62 -38.06 6.10
CA LYS A 136 2.80 -39.20 6.45
C LYS A 136 1.65 -38.87 7.39
N GLN A 137 1.90 -37.98 8.33
CA GLN A 137 0.88 -37.56 9.31
C GLN A 137 -0.23 -36.70 8.70
N HIS A 138 0.16 -35.78 7.84
CA HIS A 138 -0.78 -34.68 7.43
C HIS A 138 -1.08 -34.62 5.95
N PHE A 139 -0.28 -35.36 5.17
CA PHE A 139 -0.61 -35.54 3.75
C PHE A 139 -0.63 -36.98 3.27
N PRO A 140 -1.55 -37.82 3.77
CA PRO A 140 -1.48 -39.20 3.42
C PRO A 140 -1.62 -39.51 1.92
N GLN A 141 -2.34 -38.67 1.16
CA GLN A 141 -2.58 -38.97 -0.25
C GLN A 141 -1.33 -38.68 -1.05
N ILE A 142 -0.45 -37.91 -0.44
CA ILE A 142 0.80 -37.53 -1.15
C ILE A 142 1.84 -38.53 -0.70
N SER A 143 1.89 -38.86 0.62
CA SER A 143 2.96 -39.71 1.19
C SER A 143 2.70 -41.22 1.12
N ARG A 144 1.66 -41.62 0.41
CA ARG A 144 1.10 -43.01 0.47
C ARG A 144 2.07 -44.03 -0.15
N SER A 145 3.14 -43.51 -0.77
CA SER A 145 4.12 -44.09 -1.52
C SER A 145 5.46 -44.42 -0.77
N LEU A 146 5.68 -43.71 0.31
CA LEU A 146 7.02 -43.69 0.93
C LEU A 146 7.44 -45.09 1.43
N ALA A 147 6.46 -45.87 1.94
CA ALA A 147 6.78 -47.18 2.47
C ALA A 147 6.55 -48.32 1.48
N ASP A 148 6.44 -48.00 0.17
CA ASP A 148 6.33 -49.05 -0.79
C ASP A 148 7.56 -49.96 -0.88
N PRO A 149 7.38 -51.25 -1.12
CA PRO A 149 8.55 -52.18 -1.25
C PRO A 149 9.50 -51.87 -2.46
N ARG A 150 8.94 -51.10 -3.41
CA ARG A 150 9.75 -50.66 -4.55
C ARG A 150 10.51 -49.42 -4.25
N ALA A 151 10.37 -48.88 -3.06
CA ALA A 151 11.09 -47.59 -2.71
C ALA A 151 12.03 -47.91 -1.55
N THR A 152 13.16 -47.22 -1.58
CA THR A 152 14.03 -47.17 -0.44
C THR A 152 14.20 -45.70 -0.13
N VAL A 153 13.75 -45.29 1.09
CA VAL A 153 13.88 -43.86 1.49
C VAL A 153 15.01 -43.74 2.51
N ARG A 154 15.95 -42.83 2.23
CA ARG A 154 17.02 -42.53 3.17
C ARG A 154 17.08 -41.05 3.46
N VAL A 155 17.56 -40.70 4.68
CA VAL A 155 17.63 -39.32 5.11
C VAL A 155 19.07 -38.93 5.01
N GLY A 156 19.36 -37.98 4.14
CA GLY A 156 20.71 -37.49 3.94
C GLY A 156 20.78 -36.42 2.87
N ASP A 157 21.94 -35.77 2.73
CA ASP A 157 22.13 -34.74 1.75
C ASP A 157 22.30 -35.43 0.43
N GLY A 158 21.46 -34.99 -0.53
CA GLY A 158 21.56 -35.51 -1.89
C GLY A 158 22.90 -35.27 -2.56
N LEU A 159 23.62 -34.18 -2.21
CA LEU A 159 24.91 -33.94 -2.77
C LEU A 159 25.93 -35.09 -2.49
N ALA A 160 25.94 -35.52 -1.22
CA ALA A 160 26.82 -36.66 -0.84
C ALA A 160 26.29 -37.90 -1.41
N PHE A 161 24.97 -38.10 -1.40
CA PHE A 161 24.49 -39.36 -2.01
C PHE A 161 24.84 -39.61 -3.44
N VAL A 162 24.72 -38.56 -4.23
CA VAL A 162 25.09 -38.66 -5.67
C VAL A 162 26.63 -38.86 -5.86
N ARG A 163 27.40 -38.24 -4.94
CA ARG A 163 28.87 -38.41 -5.03
C ARG A 163 29.28 -39.84 -4.72
N GLN A 164 28.58 -40.45 -3.77
CA GLN A 164 28.92 -41.80 -3.40
C GLN A 164 28.37 -42.85 -4.36
N THR A 165 27.28 -42.53 -5.05
CA THR A 165 26.68 -43.51 -5.98
C THR A 165 27.58 -43.88 -7.16
N PRO A 166 27.67 -45.14 -7.50
CA PRO A 166 28.55 -45.51 -8.64
C PRO A 166 28.07 -45.02 -10.02
N ASP A 167 28.97 -45.03 -11.02
CA ASP A 167 28.58 -44.63 -12.39
C ASP A 167 27.47 -45.60 -12.87
N ASN A 168 26.60 -45.03 -13.75
CA ASN A 168 25.69 -45.87 -14.53
C ASN A 168 24.76 -46.69 -13.66
N THR A 169 24.14 -46.01 -12.71
CA THR A 169 23.30 -46.69 -11.74
C THR A 169 21.83 -46.48 -12.11
N TYR A 170 21.48 -45.29 -12.56
CA TYR A 170 20.06 -44.97 -12.74
C TYR A 170 19.63 -44.70 -14.16
N ASP A 171 18.37 -45.02 -14.46
CA ASP A 171 17.74 -44.58 -15.71
C ASP A 171 17.19 -43.16 -15.68
N VAL A 172 16.64 -42.75 -14.50
CA VAL A 172 16.06 -41.43 -14.36
C VAL A 172 16.42 -40.84 -12.96
N VAL A 173 16.86 -39.57 -12.95
CA VAL A 173 17.13 -38.97 -11.63
C VAL A 173 16.18 -37.73 -11.63
N ILE A 174 15.39 -37.57 -10.56
CA ILE A 174 14.45 -36.50 -10.45
C ILE A 174 14.86 -35.66 -9.22
N ILE A 175 15.17 -34.37 -9.46
CA ILE A 175 15.74 -33.53 -8.42
C ILE A 175 14.63 -32.61 -7.88
N ASP A 176 13.89 -33.05 -6.84
CA ASP A 176 12.75 -32.31 -6.33
C ASP A 176 13.12 -31.58 -5.11
N THR A 177 13.74 -30.39 -5.28
CA THR A 177 14.30 -29.65 -4.15
C THR A 177 13.55 -28.36 -3.82
N THR A 178 13.80 -27.91 -2.61
CA THR A 178 13.46 -26.53 -2.31
C THR A 178 14.27 -25.47 -3.08
N ASP A 179 13.89 -24.20 -2.91
CA ASP A 179 14.54 -23.02 -3.53
C ASP A 179 16.01 -23.00 -3.12
N PRO A 180 16.83 -22.29 -3.85
CA PRO A 180 18.26 -22.31 -3.59
C PRO A 180 18.65 -21.74 -2.22
N ALA A 181 17.81 -20.90 -1.58
CA ALA A 181 18.23 -20.41 -0.22
C ALA A 181 17.92 -21.50 0.81
N GLY A 182 18.96 -22.14 1.38
CA GLY A 182 18.72 -23.17 2.33
C GLY A 182 19.55 -24.39 1.97
N PRO A 183 19.10 -25.55 2.46
CA PRO A 183 19.91 -26.73 2.22
C PRO A 183 20.01 -27.23 0.81
N ALA A 184 19.17 -26.66 -0.08
CA ALA A 184 19.30 -27.08 -1.47
C ALA A 184 20.29 -26.29 -2.29
N SER A 185 21.04 -25.39 -1.63
CA SER A 185 21.84 -24.45 -2.38
C SER A 185 22.79 -25.09 -3.38
N LYS A 186 23.52 -26.12 -2.94
CA LYS A 186 24.49 -26.76 -3.84
C LYS A 186 23.86 -27.68 -4.91
N LEU A 187 22.57 -27.99 -4.75
CA LEU A 187 21.90 -28.80 -5.75
C LEU A 187 21.45 -27.99 -6.97
N PHE A 188 21.74 -26.67 -6.94
CA PHE A 188 21.53 -25.85 -8.15
C PHE A 188 22.89 -25.58 -8.79
N GLY A 189 23.92 -26.29 -8.32
CA GLY A 189 25.32 -26.03 -8.74
C GLY A 189 25.88 -27.05 -9.74
N GLU A 190 26.95 -26.66 -10.41
CA GLU A 190 27.54 -27.47 -11.46
C GLU A 190 28.14 -28.79 -10.93
N ALA A 191 28.76 -28.78 -9.74
CA ALA A 191 29.42 -29.99 -9.27
C ALA A 191 28.37 -31.06 -9.05
N PHE A 192 27.22 -30.66 -8.52
CA PHE A 192 26.15 -31.66 -8.35
C PHE A 192 25.76 -32.27 -9.69
N TYR A 193 25.48 -31.42 -10.67
CA TYR A 193 25.08 -31.97 -11.97
C TYR A 193 26.12 -32.88 -12.66
N LYS A 194 27.42 -32.59 -12.39
CA LYS A 194 28.41 -33.50 -12.88
C LYS A 194 28.20 -34.89 -12.34
N ASP A 195 27.91 -35.01 -11.03
CA ASP A 195 27.64 -36.37 -10.48
C ASP A 195 26.34 -36.93 -11.03
N VAL A 196 25.30 -36.07 -11.20
CA VAL A 196 24.05 -36.58 -11.79
C VAL A 196 24.33 -37.21 -13.18
N LEU A 197 25.09 -36.55 -14.01
CA LEU A 197 25.39 -37.07 -15.33
C LEU A 197 26.10 -38.45 -15.17
N ARG A 198 27.10 -38.47 -14.29
CA ARG A 198 27.88 -39.67 -14.05
C ARG A 198 27.08 -40.89 -13.60
N ILE A 199 26.13 -40.65 -12.69
CA ILE A 199 25.34 -41.79 -12.14
C ILE A 199 24.21 -42.26 -13.05
N LEU A 200 23.92 -41.52 -14.11
CA LEU A 200 22.89 -41.95 -15.10
C LEU A 200 23.54 -42.95 -16.03
N LYS A 201 22.76 -43.96 -16.43
CA LYS A 201 23.16 -44.87 -17.49
C LYS A 201 23.25 -44.09 -18.80
N PRO A 202 23.76 -44.74 -19.85
CA PRO A 202 23.97 -43.95 -21.07
C PRO A 202 22.70 -43.36 -21.72
N ASP A 203 21.55 -43.98 -21.53
CA ASP A 203 20.33 -43.35 -22.02
C ASP A 203 19.49 -42.69 -20.94
N GLY A 204 20.19 -42.27 -19.91
CA GLY A 204 19.49 -41.62 -18.77
C GLY A 204 18.85 -40.24 -19.02
N ILE A 205 17.88 -39.90 -18.14
CA ILE A 205 17.13 -38.66 -18.20
C ILE A 205 17.17 -38.11 -16.83
N CYS A 206 17.36 -36.80 -16.72
CA CYS A 206 17.06 -36.23 -15.40
C CYS A 206 16.13 -35.03 -15.54
N CYS A 207 15.47 -34.71 -14.46
CA CYS A 207 14.79 -33.41 -14.43
C CYS A 207 14.85 -32.82 -13.04
N ASN A 208 14.42 -31.56 -12.90
CA ASN A 208 14.62 -30.91 -11.60
C ASN A 208 13.48 -29.94 -11.27
N GLN A 209 13.61 -29.32 -10.13
CA GLN A 209 12.75 -28.18 -9.76
C GLN A 209 13.46 -26.97 -10.37
N GLY A 210 12.90 -26.48 -11.47
CA GLY A 210 13.57 -25.55 -12.35
C GLY A 210 13.22 -24.11 -12.25
N GLU A 211 12.49 -23.78 -11.21
CA GLU A 211 12.20 -22.38 -10.89
C GLU A 211 11.36 -21.65 -11.93
N SER A 212 11.31 -20.30 -11.85
CA SER A 212 10.23 -19.55 -12.49
C SER A 212 10.74 -18.65 -13.56
N ILE A 213 10.05 -18.70 -14.69
CA ILE A 213 10.40 -17.81 -15.86
C ILE A 213 10.16 -16.32 -15.56
N TRP A 214 9.38 -16.02 -14.52
CA TRP A 214 9.07 -14.59 -14.18
C TRP A 214 10.05 -13.99 -13.16
N LEU A 215 10.63 -14.86 -12.38
CA LEU A 215 11.53 -14.49 -11.25
C LEU A 215 12.98 -14.89 -11.40
N ASP A 216 13.23 -15.93 -12.19
CA ASP A 216 14.49 -16.63 -12.12
C ASP A 216 15.06 -16.86 -13.49
N LEU A 217 14.72 -16.02 -14.48
CA LEU A 217 15.06 -16.41 -15.86
C LEU A 217 16.56 -16.52 -16.02
N GLU A 218 17.33 -15.64 -15.35
CA GLU A 218 18.76 -15.67 -15.48
C GLU A 218 19.37 -16.94 -14.90
N LEU A 219 18.83 -17.40 -13.75
CA LEU A 219 19.24 -18.65 -13.16
C LEU A 219 18.92 -19.81 -14.08
N ILE A 220 17.71 -19.84 -14.60
CA ILE A 220 17.37 -20.93 -15.52
C ILE A 220 18.25 -21.04 -16.72
N GLU A 221 18.66 -19.89 -17.27
CA GLU A 221 19.52 -19.90 -18.43
C GLU A 221 20.93 -20.39 -18.03
N LYS A 222 21.38 -20.02 -16.85
CA LYS A 222 22.71 -20.39 -16.35
C LYS A 222 22.75 -21.88 -16.09
N MET A 223 21.67 -22.37 -15.54
CA MET A 223 21.65 -23.80 -15.35
C MET A 223 21.62 -24.55 -16.64
N SER A 224 20.78 -24.12 -17.58
CA SER A 224 20.74 -24.84 -18.81
C SER A 224 22.09 -24.89 -19.53
N ARG A 225 22.79 -23.78 -19.42
CA ARG A 225 24.15 -23.67 -19.94
C ARG A 225 25.07 -24.66 -19.29
N PHE A 226 25.11 -24.65 -17.97
CA PHE A 226 26.15 -25.47 -17.35
C PHE A 226 25.80 -26.96 -17.39
N ILE A 227 24.49 -27.28 -17.43
CA ILE A 227 24.12 -28.67 -17.58
C ILE A 227 24.58 -29.21 -18.92
N ARG A 228 24.42 -28.41 -19.98
CA ARG A 228 24.98 -28.78 -21.29
C ARG A 228 26.52 -28.92 -21.19
N GLU A 229 27.17 -27.94 -20.56
CA GLU A 229 28.66 -28.01 -20.50
C GLU A 229 29.18 -29.22 -19.76
N THR A 230 28.50 -29.63 -18.71
CA THR A 230 28.90 -30.82 -18.01
C THR A 230 28.87 -32.12 -18.90
N GLY A 231 27.97 -32.16 -19.89
CA GLY A 231 27.98 -33.21 -20.86
C GLY A 231 26.60 -33.73 -21.19
N PHE A 232 25.52 -33.11 -20.66
CA PHE A 232 24.20 -33.56 -21.14
C PHE A 232 23.99 -33.11 -22.57
N ALA A 233 23.48 -34.02 -23.37
CA ALA A 233 23.30 -33.71 -24.79
C ALA A 233 22.23 -32.67 -25.01
N SER A 234 21.19 -32.59 -24.17
CA SER A 234 20.10 -31.69 -24.49
C SER A 234 19.44 -31.36 -23.15
N VAL A 235 18.87 -30.16 -23.11
CA VAL A 235 18.16 -29.66 -21.90
C VAL A 235 16.98 -28.86 -22.38
N GLN A 236 15.76 -29.18 -21.94
CA GLN A 236 14.59 -28.42 -22.38
C GLN A 236 13.71 -28.16 -21.16
N TYR A 237 13.20 -26.92 -21.06
CA TYR A 237 12.41 -26.53 -19.87
C TYR A 237 10.94 -26.74 -20.18
N ALA A 238 10.24 -27.40 -19.23
CA ALA A 238 8.78 -27.59 -19.34
C ALA A 238 8.09 -26.73 -18.32
N LEU A 239 7.10 -25.95 -18.75
CA LEU A 239 6.41 -24.99 -17.87
C LEU A 239 5.12 -25.65 -17.44
N MET A 240 4.72 -25.41 -16.16
CA MET A 240 3.44 -25.96 -15.70
C MET A 240 2.72 -24.98 -14.76
N HIS A 241 1.39 -25.16 -14.67
CA HIS A 241 0.49 -24.23 -13.96
C HIS A 241 0.33 -24.71 -12.50
N VAL A 242 0.93 -23.97 -11.53
CA VAL A 242 0.78 -24.34 -10.11
C VAL A 242 0.42 -23.05 -9.34
N PRO A 243 -0.86 -22.88 -8.99
CA PRO A 243 -1.28 -21.63 -8.40
C PRO A 243 -0.46 -21.24 -7.13
N THR A 244 -0.05 -22.23 -6.37
CA THR A 244 0.54 -21.93 -5.06
C THR A 244 2.06 -21.91 -5.07
N TYR A 245 2.68 -21.87 -6.28
CA TYR A 245 4.08 -21.50 -6.35
C TYR A 245 4.18 -20.06 -6.87
N PRO A 246 5.28 -19.37 -6.53
CA PRO A 246 5.32 -17.94 -6.78
C PRO A 246 5.12 -17.58 -8.23
N CYS A 247 4.22 -16.66 -8.44
CA CYS A 247 3.74 -16.27 -9.77
C CYS A 247 2.81 -17.24 -10.47
N GLY A 248 2.52 -18.41 -9.88
CA GLY A 248 1.51 -19.31 -10.43
C GLY A 248 2.07 -20.35 -11.39
N SER A 249 3.40 -20.44 -11.44
CA SER A 249 3.95 -21.52 -12.23
C SER A 249 5.27 -21.93 -11.70
N ILE A 250 5.77 -23.05 -12.24
CA ILE A 250 7.13 -23.46 -12.03
C ILE A 250 7.51 -24.25 -13.30
N GLY A 251 8.81 -24.57 -13.46
CA GLY A 251 9.24 -25.42 -14.55
C GLY A 251 10.18 -26.48 -14.09
N THR A 252 10.55 -27.31 -15.02
CA THR A 252 11.48 -28.39 -14.83
C THR A 252 12.41 -28.43 -16.06
N LEU A 253 13.72 -28.47 -15.79
CA LEU A 253 14.64 -28.73 -16.93
C LEU A 253 14.75 -30.23 -17.09
N VAL A 254 14.36 -30.71 -18.32
CA VAL A 254 14.38 -32.15 -18.60
C VAL A 254 15.54 -32.38 -19.57
N CYS A 255 16.45 -33.22 -19.11
CA CYS A 255 17.83 -33.28 -19.70
C CYS A 255 18.13 -34.69 -20.06
N SER A 256 18.69 -34.87 -21.26
CA SER A 256 19.03 -36.21 -21.73
C SER A 256 20.52 -36.39 -21.78
N LYS A 257 20.99 -37.49 -21.26
CA LYS A 257 22.44 -37.80 -21.39
C LYS A 257 22.84 -38.11 -22.83
N LYS A 258 21.97 -38.87 -23.50
CA LYS A 258 22.22 -39.34 -24.86
C LYS A 258 21.83 -38.28 -25.81
N ALA A 259 22.60 -38.19 -26.92
CA ALA A 259 22.20 -37.37 -27.99
C ALA A 259 21.04 -37.95 -28.75
N GLY A 260 20.39 -37.12 -29.60
CA GLY A 260 19.31 -37.68 -30.37
C GLY A 260 17.94 -37.88 -29.76
N VAL A 261 17.82 -37.38 -28.53
CA VAL A 261 16.59 -37.60 -27.79
C VAL A 261 15.82 -36.27 -27.82
N ASP A 262 14.55 -36.38 -28.18
CA ASP A 262 13.61 -35.23 -28.11
C ASP A 262 12.63 -35.44 -26.98
N VAL A 263 12.99 -34.90 -25.81
CA VAL A 263 12.11 -35.10 -24.69
C VAL A 263 10.81 -34.35 -24.76
N THR A 264 10.70 -33.45 -25.75
CA THR A 264 9.48 -32.61 -25.81
C THR A 264 8.28 -33.30 -26.43
N LYS A 265 8.53 -34.47 -27.06
CA LYS A 265 7.40 -35.27 -27.58
C LYS A 265 7.51 -36.60 -26.92
N PRO A 266 6.43 -37.13 -26.30
CA PRO A 266 6.58 -38.33 -25.48
C PRO A 266 7.10 -39.55 -26.26
N LEU A 267 8.11 -40.19 -25.74
CA LEU A 267 8.68 -41.44 -26.33
C LEU A 267 7.75 -42.66 -26.09
N ARG A 268 7.20 -42.75 -24.90
CA ARG A 268 6.28 -43.79 -24.52
C ARG A 268 5.01 -43.07 -23.98
N PRO A 269 4.04 -42.82 -24.84
CA PRO A 269 2.89 -41.99 -24.44
C PRO A 269 2.16 -42.58 -23.26
N VAL A 270 1.73 -41.75 -22.32
CA VAL A 270 1.12 -42.31 -21.15
C VAL A 270 -0.26 -42.95 -21.49
N GLU A 271 -0.86 -42.58 -22.61
CA GLU A 271 -2.20 -43.07 -22.98
C GLU A 271 -2.12 -44.57 -23.23
N ASP A 272 -0.97 -45.09 -23.56
CA ASP A 272 -0.82 -46.57 -23.72
C ASP A 272 -0.65 -47.32 -22.41
N MET A 273 -0.74 -46.62 -21.30
CA MET A 273 -0.49 -47.20 -19.98
C MET A 273 -1.77 -47.20 -19.18
N PRO A 274 -1.96 -48.17 -18.26
CA PRO A 274 -3.28 -48.34 -17.71
C PRO A 274 -3.71 -47.27 -16.75
N PHE A 275 -2.75 -46.42 -16.29
CA PHE A 275 -3.10 -45.45 -15.24
C PHE A 275 -3.35 -43.98 -15.81
N ALA A 276 -3.24 -43.88 -17.12
CA ALA A 276 -3.41 -42.54 -17.78
C ALA A 276 -4.70 -41.91 -17.35
N LYS A 277 -5.76 -42.74 -17.30
CA LYS A 277 -7.03 -42.20 -16.90
C LYS A 277 -7.18 -41.77 -15.46
N ASP A 278 -6.21 -42.10 -14.60
CA ASP A 278 -6.16 -41.69 -13.21
C ASP A 278 -5.53 -40.30 -12.95
N LEU A 279 -4.88 -39.78 -13.99
CA LEU A 279 -4.09 -38.53 -13.77
C LEU A 279 -5.02 -37.32 -13.87
N LYS A 280 -4.74 -36.29 -13.11
CA LYS A 280 -5.57 -35.11 -13.03
C LYS A 280 -5.03 -33.95 -13.91
N TYR A 281 -3.74 -33.94 -14.23
CA TYR A 281 -3.16 -32.86 -15.01
C TYR A 281 -2.51 -33.35 -16.31
N TYR A 282 -1.54 -34.27 -16.16
CA TYR A 282 -0.67 -34.71 -17.23
C TYR A 282 -1.31 -35.64 -18.25
N ASP A 283 -1.03 -35.42 -19.53
CA ASP A 283 -1.28 -36.32 -20.65
C ASP A 283 -0.36 -35.90 -21.78
N SER A 284 -0.40 -36.62 -22.88
CA SER A 284 0.54 -36.33 -23.91
C SER A 284 0.37 -34.92 -24.49
N GLU A 285 -0.90 -34.44 -24.59
CA GLU A 285 -1.13 -33.11 -25.11
C GLU A 285 -0.49 -32.05 -24.18
N MET A 286 -0.65 -32.26 -22.89
CA MET A 286 -0.02 -31.33 -21.90
C MET A 286 1.48 -31.46 -21.96
N HIS A 287 1.99 -32.65 -22.09
CA HIS A 287 3.46 -32.80 -22.19
C HIS A 287 4.01 -32.00 -23.35
N LYS A 288 3.43 -32.17 -24.53
CA LYS A 288 3.94 -31.37 -25.63
C LYS A 288 3.73 -29.88 -25.44
N ALA A 289 2.58 -29.50 -24.88
CA ALA A 289 2.32 -28.04 -24.72
C ALA A 289 3.29 -27.42 -23.70
N SER A 290 3.78 -28.23 -22.74
CA SER A 290 4.60 -27.68 -21.62
C SER A 290 5.89 -27.06 -22.08
N PHE A 291 6.35 -27.54 -23.26
CA PHE A 291 7.64 -27.04 -23.80
C PHE A 291 7.46 -25.86 -24.72
N ALA A 292 6.24 -25.38 -24.94
CA ALA A 292 6.04 -24.09 -25.64
C ALA A 292 6.15 -22.99 -24.65
N LEU A 293 7.18 -22.15 -24.83
CA LEU A 293 7.44 -21.10 -23.86
C LEU A 293 7.06 -19.72 -24.40
N PRO A 294 6.63 -18.83 -23.56
CA PRO A 294 6.43 -17.41 -23.97
C PRO A 294 7.68 -16.85 -24.71
N ARG A 295 7.51 -15.93 -25.70
CA ARG A 295 8.68 -15.43 -26.46
C ARG A 295 9.78 -14.98 -25.55
N PHE A 296 9.48 -14.30 -24.46
CA PHE A 296 10.55 -13.74 -23.61
C PHE A 296 11.44 -14.79 -22.94
N ALA A 297 10.94 -16.04 -22.87
CA ALA A 297 11.60 -17.14 -22.23
C ALA A 297 12.10 -18.14 -23.23
N ARG A 298 11.77 -17.96 -24.51
CA ARG A 298 12.02 -18.98 -25.59
C ARG A 298 13.50 -19.36 -25.74
N HIS A 299 14.42 -18.44 -25.48
CA HIS A 299 15.86 -18.76 -25.52
C HIS A 299 16.31 -19.85 -24.57
N ILE A 300 15.54 -20.17 -23.53
CA ILE A 300 15.85 -21.31 -22.74
C ILE A 300 15.88 -22.60 -23.64
N ASN A 301 14.94 -22.76 -24.58
CA ASN A 301 14.75 -24.03 -25.30
C ASN A 301 15.26 -23.93 -26.73
N ASN A 302 15.59 -22.70 -27.14
CA ASN A 302 16.01 -22.32 -28.51
C ASN A 302 14.90 -22.01 -29.54
N MET B 9 -17.46 -4.15 -4.74
CA MET B 9 -17.55 -4.12 -3.23
C MET B 9 -16.24 -3.67 -2.54
N PRO B 10 -15.16 -4.48 -2.62
CA PRO B 10 -13.92 -4.10 -1.95
C PRO B 10 -13.44 -2.77 -2.47
N GLY B 11 -12.73 -2.02 -1.61
CA GLY B 11 -12.19 -0.71 -2.01
C GLY B 11 -10.88 -0.31 -1.40
N SER B 12 -10.87 0.89 -0.82
CA SER B 12 -9.61 1.50 -0.31
C SER B 12 -8.98 0.66 0.81
N GLU B 13 -9.83 -0.07 1.54
CA GLU B 13 -9.37 -0.81 2.71
C GLU B 13 -8.37 -1.90 2.33
N LEU B 14 -8.41 -2.32 1.05
CA LEU B 14 -7.44 -3.36 0.71
C LEU B 14 -6.01 -2.96 0.73
N ILE B 15 -5.71 -1.66 0.83
CA ILE B 15 -4.36 -1.25 1.13
C ILE B 15 -4.23 -1.02 2.62
N SER B 16 -3.24 -1.71 3.17
CA SER B 16 -3.07 -1.70 4.64
C SER B 16 -1.64 -2.08 4.94
N GLY B 17 -0.99 -1.36 5.84
CA GLY B 17 0.38 -1.67 6.21
C GLY B 17 1.39 -1.87 5.10
N GLY B 18 1.30 -0.99 4.11
CA GLY B 18 2.21 -1.05 3.01
C GLY B 18 1.91 -2.15 2.00
N TRP B 19 0.81 -2.86 2.10
CA TRP B 19 0.48 -3.88 1.12
C TRP B 19 -0.92 -3.69 0.53
N PHE B 20 -1.05 -4.01 -0.74
CA PHE B 20 -2.37 -4.22 -1.30
C PHE B 20 -2.65 -5.74 -1.21
N ARG B 21 -3.78 -6.18 -0.66
CA ARG B 21 -4.11 -7.54 -0.49
C ARG B 21 -5.39 -7.77 -1.22
N GLU B 22 -5.33 -8.61 -2.27
CA GLU B 22 -6.48 -8.86 -3.07
C GLU B 22 -7.40 -9.87 -2.46
N GLU B 23 -8.04 -9.48 -1.34
CA GLU B 23 -9.07 -10.29 -0.73
C GLU B 23 -10.41 -10.07 -1.40
N ASN B 24 -11.11 -11.14 -1.71
CA ASN B 24 -12.38 -11.09 -2.42
C ASN B 24 -13.20 -12.35 -2.19
N ASP B 25 -14.52 -12.20 -2.06
CA ASP B 25 -15.29 -13.41 -1.90
C ASP B 25 -15.45 -14.21 -3.21
N GLN B 26 -14.96 -13.65 -4.35
CA GLN B 26 -14.86 -14.45 -5.59
C GLN B 26 -13.71 -15.48 -5.52
N TRP B 27 -12.84 -15.34 -4.52
CA TRP B 27 -11.79 -16.34 -4.28
C TRP B 27 -11.50 -16.46 -2.80
N PRO B 28 -12.47 -17.03 -2.09
CA PRO B 28 -12.39 -17.06 -0.61
C PRO B 28 -11.07 -17.74 -0.10
N GLY B 29 -10.46 -17.14 0.90
CA GLY B 29 -9.33 -17.79 1.58
C GLY B 29 -7.98 -17.60 1.02
N GLN B 30 -7.89 -16.83 -0.08
CA GLN B 30 -6.61 -16.54 -0.63
C GLN B 30 -6.52 -15.09 -1.06
N ALA B 31 -5.33 -14.59 -1.08
CA ALA B 31 -5.13 -13.17 -1.53
C ALA B 31 -3.70 -12.94 -2.06
N MET B 32 -3.59 -12.58 -3.33
CA MET B 32 -2.36 -12.12 -3.80
C MET B 32 -2.04 -10.75 -3.23
N SER B 33 -0.82 -10.55 -2.80
CA SER B 33 -0.46 -9.34 -2.13
C SER B 33 0.70 -8.68 -2.85
N LEU B 34 0.66 -7.35 -3.08
CA LEU B 34 1.76 -6.65 -3.69
C LEU B 34 2.13 -5.47 -2.77
N ARG B 35 3.40 -5.22 -2.54
CA ARG B 35 3.83 -4.08 -1.72
C ARG B 35 3.48 -2.78 -2.43
N VAL B 36 3.00 -1.82 -1.64
CA VAL B 36 2.71 -0.45 -2.15
C VAL B 36 3.81 0.56 -1.84
N GLU B 37 4.46 1.11 -2.86
CA GLU B 37 5.46 2.14 -2.70
C GLU B 37 4.69 3.51 -2.60
N LYS B 38 3.72 3.74 -3.48
CA LYS B 38 3.06 5.06 -3.55
C LYS B 38 1.69 4.82 -4.11
N VAL B 39 0.63 5.33 -3.51
CA VAL B 39 -0.72 5.30 -4.16
C VAL B 39 -0.80 6.53 -5.11
N LEU B 40 -1.23 6.29 -6.35
CA LEU B 40 -1.31 7.31 -7.37
C LEU B 40 -2.73 7.86 -7.53
N TYR B 41 -3.75 7.04 -7.30
CA TYR B 41 -5.13 7.37 -7.46
C TYR B 41 -5.96 6.33 -6.74
N ASP B 42 -6.93 6.76 -5.97
CA ASP B 42 -7.80 5.87 -5.28
C ASP B 42 -9.11 6.57 -5.04
N ALA B 43 -10.12 6.18 -5.83
CA ALA B 43 -11.44 6.82 -5.76
C ALA B 43 -12.53 5.97 -6.31
N PRO B 44 -13.75 6.18 -5.82
CA PRO B 44 -14.90 5.57 -6.54
C PRO B 44 -15.12 6.38 -7.82
N THR B 45 -15.38 5.66 -8.89
CA THR B 45 -15.86 6.27 -10.13
C THR B 45 -17.37 6.34 -10.12
N LYS B 46 -17.97 6.66 -11.27
CA LYS B 46 -19.42 6.45 -11.34
C LYS B 46 -19.88 5.00 -11.16
N PHE B 47 -18.96 4.04 -11.39
CA PHE B 47 -19.37 2.62 -11.46
C PHE B 47 -18.64 1.62 -10.60
N GLN B 48 -17.36 1.92 -10.32
CA GLN B 48 -16.41 0.98 -9.72
C GLN B 48 -15.41 1.70 -8.80
N HIS B 49 -14.78 0.97 -7.86
CA HIS B 49 -13.76 1.61 -7.11
C HIS B 49 -12.46 1.37 -7.88
N LEU B 50 -11.75 2.42 -8.13
CA LEU B 50 -10.53 2.40 -8.97
C LEU B 50 -9.29 2.77 -8.13
N THR B 51 -8.31 1.86 -8.08
CA THR B 51 -7.08 2.08 -7.31
C THR B 51 -5.90 1.87 -8.21
N ILE B 52 -4.98 2.84 -8.24
CA ILE B 52 -3.73 2.68 -9.05
C ILE B 52 -2.62 2.99 -8.09
N PHE B 53 -1.64 2.05 -8.01
CA PHE B 53 -0.49 2.34 -7.18
C PHE B 53 0.81 1.93 -7.80
N GLU B 54 1.92 2.53 -7.35
CA GLU B 54 3.24 2.04 -7.81
C GLU B 54 3.66 0.99 -6.80
N SER B 55 4.03 -0.15 -7.31
CA SER B 55 4.48 -1.23 -6.41
C SER B 55 5.93 -1.04 -6.03
N ASP B 56 6.48 -1.95 -5.22
CA ASP B 56 7.84 -1.78 -4.71
C ASP B 56 8.85 -1.85 -5.80
N PRO B 57 9.68 -0.84 -5.87
CA PRO B 57 10.73 -0.75 -6.92
C PRO B 57 11.75 -1.87 -6.82
N LYS B 58 11.77 -2.56 -5.69
CA LYS B 58 12.66 -3.71 -5.62
C LYS B 58 12.05 -4.97 -6.25
N GLY B 59 10.77 -4.91 -6.53
CA GLY B 59 10.05 -5.98 -7.27
C GLY B 59 9.88 -5.53 -8.72
N PRO B 60 9.38 -6.43 -9.60
CA PRO B 60 9.38 -6.11 -11.00
C PRO B 60 8.05 -5.55 -11.53
N TRP B 61 7.04 -5.43 -10.68
CA TRP B 61 5.65 -5.31 -11.15
C TRP B 61 5.27 -3.95 -11.65
N GLY B 62 5.98 -2.90 -11.19
CA GLY B 62 5.68 -1.54 -11.67
C GLY B 62 4.36 -1.00 -11.19
N THR B 63 3.70 -0.26 -12.10
CA THR B 63 2.37 0.29 -11.72
C THR B 63 1.26 -0.77 -11.78
N VAL B 64 0.26 -0.64 -10.90
CA VAL B 64 -0.77 -1.67 -10.76
C VAL B 64 -2.10 -0.97 -10.73
N MET B 65 -3.08 -1.57 -11.40
CA MET B 65 -4.47 -1.01 -11.37
C MET B 65 -5.42 -2.06 -10.86
N ALA B 66 -6.33 -1.69 -9.95
CA ALA B 66 -7.39 -2.60 -9.54
C ALA B 66 -8.77 -1.93 -9.62
N LEU B 67 -9.77 -2.71 -9.97
CA LEU B 67 -11.21 -2.27 -10.02
C LEU B 67 -11.97 -3.14 -9.07
N ASP B 68 -12.74 -2.46 -8.16
CA ASP B 68 -13.55 -3.25 -7.18
C ASP B 68 -12.66 -4.26 -6.43
N GLY B 69 -11.41 -3.84 -6.22
CA GLY B 69 -10.42 -4.66 -5.47
C GLY B 69 -9.70 -5.71 -6.26
N CYS B 70 -10.03 -5.78 -7.54
CA CYS B 70 -9.51 -6.92 -8.36
C CYS B 70 -8.42 -6.37 -9.30
N ILE B 71 -7.19 -6.95 -9.20
CA ILE B 71 -6.11 -6.48 -10.05
C ILE B 71 -6.43 -6.66 -11.54
N GLN B 72 -6.25 -5.59 -12.31
CA GLN B 72 -6.60 -5.59 -13.74
C GLN B 72 -5.40 -5.63 -14.59
N VAL B 73 -4.39 -4.84 -14.25
CA VAL B 73 -3.17 -4.80 -15.08
C VAL B 73 -2.00 -4.48 -14.15
N THR B 74 -0.84 -5.05 -14.45
CA THR B 74 0.45 -4.44 -13.95
C THR B 74 1.34 -4.21 -15.14
N ASP B 75 2.33 -3.32 -14.95
CA ASP B 75 3.21 -3.02 -16.06
C ASP B 75 3.98 -4.27 -16.50
N TYR B 76 4.33 -5.13 -15.56
CA TYR B 76 5.28 -6.24 -15.88
C TYR B 76 4.64 -7.32 -16.74
N ASP B 77 3.38 -7.64 -16.49
CA ASP B 77 2.80 -8.83 -17.12
C ASP B 77 1.61 -8.52 -18.07
N GLU B 78 1.30 -7.24 -18.29
CA GLU B 78 0.11 -6.92 -19.06
C GLU B 78 0.17 -7.45 -20.47
N PHE B 79 1.36 -7.66 -21.01
CA PHE B 79 1.46 -8.06 -22.40
C PHE B 79 0.85 -9.39 -22.61
N VAL B 80 0.74 -10.24 -21.57
CA VAL B 80 0.25 -11.61 -21.86
C VAL B 80 -1.20 -11.66 -22.26
N TYR B 81 -2.08 -11.16 -21.40
CA TYR B 81 -3.47 -11.16 -21.74
C TYR B 81 -3.84 -10.36 -22.97
N HIS B 82 -3.18 -9.20 -23.12
CA HIS B 82 -3.47 -8.34 -24.25
C HIS B 82 -3.02 -8.97 -25.54
N GLU B 83 -1.83 -9.61 -25.55
CA GLU B 83 -1.40 -10.27 -26.81
C GLU B 83 -2.27 -11.49 -27.06
N VAL B 84 -2.61 -12.24 -26.02
CA VAL B 84 -3.39 -13.47 -26.24
C VAL B 84 -4.80 -13.18 -26.80
N LEU B 85 -5.51 -12.24 -26.18
CA LEU B 85 -6.85 -11.94 -26.76
C LEU B 85 -6.77 -11.36 -28.14
N GLY B 86 -5.87 -10.40 -28.31
CA GLY B 86 -5.82 -9.69 -29.62
C GLY B 86 -5.38 -10.60 -30.72
N HIS B 87 -4.35 -11.40 -30.51
CA HIS B 87 -3.80 -12.17 -31.62
C HIS B 87 -4.46 -13.55 -31.76
N THR B 88 -4.86 -14.18 -30.66
CA THR B 88 -5.55 -15.45 -30.85
C THR B 88 -6.85 -15.28 -31.65
N SER B 89 -7.58 -14.17 -31.41
CA SER B 89 -8.82 -13.93 -32.15
C SER B 89 -8.52 -13.51 -33.59
N LEU B 90 -7.65 -12.53 -33.79
CA LEU B 90 -7.51 -11.97 -35.17
C LEU B 90 -6.74 -12.97 -36.02
N CYS B 91 -5.83 -13.75 -35.44
CA CYS B 91 -5.10 -14.78 -36.25
C CYS B 91 -5.97 -16.01 -36.56
N SER B 92 -7.17 -16.04 -36.01
CA SER B 92 -8.19 -17.10 -36.25
C SER B 92 -9.19 -16.60 -37.30
N HIS B 93 -9.07 -15.36 -37.77
CA HIS B 93 -10.01 -14.83 -38.72
C HIS B 93 -9.34 -14.71 -40.10
N PRO B 94 -10.06 -14.96 -41.20
CA PRO B 94 -9.42 -14.84 -42.53
C PRO B 94 -9.01 -13.44 -42.98
N LYS B 95 -9.71 -12.38 -42.47
CA LYS B 95 -9.42 -10.99 -42.90
C LYS B 95 -10.19 -10.03 -42.00
N PRO B 96 -9.65 -9.84 -40.79
CA PRO B 96 -10.46 -9.08 -39.82
C PRO B 96 -10.33 -7.62 -40.04
N GLU B 97 -11.40 -7.00 -40.51
CA GLU B 97 -11.39 -5.57 -40.85
C GLU B 97 -12.08 -4.71 -39.86
N ARG B 98 -13.16 -5.24 -39.28
CA ARG B 98 -13.96 -4.47 -38.35
C ARG B 98 -14.07 -5.21 -37.03
N VAL B 99 -13.58 -4.55 -35.94
CA VAL B 99 -13.47 -5.20 -34.64
C VAL B 99 -14.20 -4.42 -33.59
N LEU B 100 -14.82 -5.14 -32.67
CA LEU B 100 -15.44 -4.53 -31.51
C LEU B 100 -14.75 -5.00 -30.21
N ILE B 101 -14.38 -4.07 -29.34
CA ILE B 101 -13.88 -4.41 -27.98
C ILE B 101 -14.92 -3.91 -26.99
N ILE B 102 -15.49 -4.82 -26.22
CA ILE B 102 -16.38 -4.43 -25.11
C ILE B 102 -15.52 -4.47 -23.84
N GLY B 103 -15.63 -3.37 -23.10
CA GLY B 103 -14.69 -3.19 -21.98
C GLY B 103 -13.31 -2.71 -22.55
N GLY B 104 -12.21 -3.16 -21.97
CA GLY B 104 -10.89 -2.80 -22.51
C GLY B 104 -10.49 -1.32 -22.45
N GLY B 105 -11.04 -0.60 -21.48
CA GLY B 105 -10.79 0.86 -21.47
C GLY B 105 -9.37 1.23 -21.19
N ASP B 106 -8.56 0.25 -20.80
CA ASP B 106 -7.12 0.55 -20.56
C ASP B 106 -6.36 0.66 -21.89
N GLY B 107 -6.94 0.11 -22.95
CA GLY B 107 -6.40 0.19 -24.30
C GLY B 107 -5.51 -0.97 -24.71
N GLY B 108 -5.24 -1.91 -23.82
CA GLY B 108 -4.23 -2.98 -24.11
C GLY B 108 -4.63 -3.88 -25.27
N VAL B 109 -5.84 -4.45 -25.20
CA VAL B 109 -6.28 -5.29 -26.35
C VAL B 109 -6.33 -4.45 -27.62
N LEU B 110 -6.81 -3.20 -27.54
CA LEU B 110 -6.80 -2.34 -28.71
C LEU B 110 -5.41 -2.13 -29.33
N ARG B 111 -4.42 -1.89 -28.45
CA ARG B 111 -3.03 -1.84 -28.92
C ARG B 111 -2.66 -3.06 -29.76
N GLU B 112 -3.06 -4.24 -29.29
CA GLU B 112 -2.63 -5.43 -30.02
C GLU B 112 -3.45 -5.66 -31.31
N VAL B 113 -4.74 -5.40 -31.26
CA VAL B 113 -5.64 -5.49 -32.44
C VAL B 113 -5.12 -4.55 -33.54
N LEU B 114 -4.62 -3.38 -33.15
CA LEU B 114 -4.20 -2.36 -34.14
C LEU B 114 -2.85 -2.62 -34.68
N ARG B 115 -2.10 -3.62 -34.19
CA ARG B 115 -0.94 -4.09 -34.91
C ARG B 115 -1.32 -4.73 -36.25
N HIS B 116 -2.52 -5.30 -36.43
CA HIS B 116 -2.90 -6.00 -37.67
C HIS B 116 -3.31 -5.01 -38.80
N GLY B 117 -2.64 -5.27 -39.94
CA GLY B 117 -2.74 -4.35 -41.11
C GLY B 117 -4.09 -4.49 -41.76
N THR B 118 -4.81 -5.59 -41.47
CA THR B 118 -6.13 -5.79 -42.05
C THR B 118 -7.18 -4.88 -41.40
N VAL B 119 -6.91 -4.42 -40.16
CA VAL B 119 -7.96 -3.75 -39.41
C VAL B 119 -8.21 -2.30 -39.98
N GLU B 120 -9.44 -2.06 -40.39
CA GLU B 120 -9.89 -0.77 -40.86
C GLU B 120 -10.48 0.08 -39.73
N HIS B 121 -11.18 -0.54 -38.79
CA HIS B 121 -11.88 0.21 -37.76
C HIS B 121 -12.12 -0.71 -36.54
N CYS B 122 -11.90 -0.20 -35.34
CA CYS B 122 -12.24 -0.88 -34.08
C CYS B 122 -13.10 0.05 -33.25
N ASP B 123 -14.28 -0.40 -32.83
CA ASP B 123 -15.03 0.29 -31.79
C ASP B 123 -14.68 -0.28 -30.42
N LEU B 124 -14.53 0.61 -29.45
CA LEU B 124 -14.24 0.22 -28.09
C LEU B 124 -15.24 0.87 -27.19
N VAL B 125 -15.93 0.06 -26.37
CA VAL B 125 -17.05 0.57 -25.55
C VAL B 125 -16.87 0.05 -24.13
N ASP B 126 -16.51 0.98 -23.25
CA ASP B 126 -16.31 0.64 -21.82
C ASP B 126 -17.24 1.50 -20.99
N ILE B 127 -17.85 0.89 -19.99
CA ILE B 127 -18.87 1.60 -19.16
C ILE B 127 -18.22 2.73 -18.33
N ASP B 128 -16.93 2.66 -18.09
CA ASP B 128 -16.33 3.48 -17.05
C ASP B 128 -15.30 4.39 -17.68
N GLY B 129 -15.74 5.61 -18.04
CA GLY B 129 -14.76 6.54 -18.67
C GLY B 129 -13.57 6.93 -17.85
N GLU B 130 -13.67 6.74 -16.55
CA GLU B 130 -12.44 7.05 -15.74
C GLU B 130 -11.34 6.05 -15.95
N VAL B 131 -11.69 4.81 -16.31
CA VAL B 131 -10.66 3.83 -16.63
C VAL B 131 -9.80 4.31 -17.84
N MET B 132 -10.45 4.79 -18.90
CA MET B 132 -9.65 5.29 -20.04
C MET B 132 -8.77 6.50 -19.57
N GLU B 133 -9.36 7.45 -18.74
CA GLU B 133 -8.64 8.65 -18.33
C GLU B 133 -7.40 8.29 -17.47
N GLN B 134 -7.60 7.38 -16.52
CA GLN B 134 -6.52 7.07 -15.62
C GLN B 134 -5.50 6.18 -16.34
N SER B 135 -5.93 5.42 -17.35
CA SER B 135 -4.94 4.65 -18.12
C SER B 135 -4.07 5.53 -18.98
N LYS B 136 -4.65 6.59 -19.51
CA LYS B 136 -3.84 7.59 -20.23
C LYS B 136 -2.88 8.29 -19.26
N GLN B 137 -3.32 8.55 -18.04
CA GLN B 137 -2.41 9.26 -17.05
C GLN B 137 -1.31 8.34 -16.52
N HIS B 138 -1.62 7.09 -16.27
CA HIS B 138 -0.68 6.20 -15.49
C HIS B 138 -0.18 4.97 -16.20
N PHE B 139 -0.74 4.71 -17.41
CA PHE B 139 -0.30 3.53 -18.18
C PHE B 139 -0.13 3.87 -19.61
N PRO B 140 0.76 4.83 -19.96
CA PRO B 140 0.87 5.29 -21.32
C PRO B 140 1.27 4.23 -22.33
N GLN B 141 1.94 3.16 -21.92
CA GLN B 141 2.39 2.15 -22.85
C GLN B 141 1.19 1.22 -23.17
N ILE B 142 0.15 1.26 -22.31
CA ILE B 142 -1.00 0.44 -22.58
C ILE B 142 -2.06 1.25 -23.30
N SER B 143 -2.18 2.55 -23.00
CA SER B 143 -3.23 3.41 -23.52
C SER B 143 -2.98 4.21 -24.79
N ARG B 144 -1.77 4.09 -25.31
CA ARG B 144 -1.40 4.97 -26.46
C ARG B 144 -2.47 4.77 -27.60
N SER B 145 -2.86 3.49 -27.72
CA SER B 145 -3.79 3.08 -28.79
C SER B 145 -5.12 3.85 -28.84
N LEU B 146 -5.55 4.36 -27.69
CA LEU B 146 -6.83 4.95 -27.60
C LEU B 146 -7.06 6.11 -28.51
N ALA B 147 -5.96 6.79 -28.88
CA ALA B 147 -6.09 7.99 -29.73
C ALA B 147 -6.06 7.70 -31.21
N ASP B 148 -5.92 6.43 -31.56
CA ASP B 148 -5.72 6.12 -32.95
C ASP B 148 -6.99 6.35 -33.78
N PRO B 149 -6.88 6.91 -34.99
CA PRO B 149 -8.06 7.25 -35.82
C PRO B 149 -8.82 6.00 -36.36
N ARG B 150 -8.18 4.83 -36.27
CA ARG B 150 -8.91 3.56 -36.56
C ARG B 150 -9.83 3.27 -35.47
N ALA B 151 -9.66 3.82 -34.29
CA ALA B 151 -10.58 3.46 -33.18
C ALA B 151 -11.64 4.54 -32.89
N THR B 152 -12.82 4.10 -32.49
CA THR B 152 -13.80 5.03 -31.94
C THR B 152 -14.08 4.54 -30.54
N VAL B 153 -13.67 5.32 -29.54
CA VAL B 153 -13.74 4.96 -28.13
C VAL B 153 -14.98 5.62 -27.56
N ARG B 154 -15.90 4.80 -26.96
CA ARG B 154 -17.13 5.33 -26.43
C ARG B 154 -17.24 4.90 -24.97
N VAL B 155 -17.90 5.72 -24.17
CA VAL B 155 -18.23 5.44 -22.77
C VAL B 155 -19.65 5.02 -22.72
N GLY B 156 -19.84 3.74 -22.38
CA GLY B 156 -21.21 3.21 -22.38
C GLY B 156 -21.23 1.78 -21.97
N ASP B 157 -22.43 1.32 -21.60
CA ASP B 157 -22.58 -0.12 -21.27
C ASP B 157 -22.54 -1.01 -22.53
N GLY B 158 -21.77 -2.09 -22.47
CA GLY B 158 -21.62 -2.98 -23.66
C GLY B 158 -22.89 -3.67 -24.06
N LEU B 159 -23.75 -3.95 -23.07
CA LEU B 159 -25.01 -4.67 -23.45
C LEU B 159 -25.89 -3.77 -24.25
N ALA B 160 -26.10 -2.57 -23.76
CA ALA B 160 -26.88 -1.61 -24.52
C ALA B 160 -26.26 -1.32 -25.91
N PHE B 161 -24.92 -1.34 -26.02
CA PHE B 161 -24.33 -0.99 -27.29
C PHE B 161 -24.62 -2.08 -28.30
N VAL B 162 -24.48 -3.32 -27.91
CA VAL B 162 -24.71 -4.43 -28.83
C VAL B 162 -26.19 -4.46 -29.22
N ARG B 163 -27.10 -4.11 -28.32
CA ARG B 163 -28.55 -4.07 -28.69
C ARG B 163 -28.90 -2.99 -29.70
N GLN B 164 -28.04 -2.00 -29.89
CA GLN B 164 -28.22 -0.96 -30.92
C GLN B 164 -27.43 -1.25 -32.18
N THR B 165 -26.65 -2.34 -32.19
CA THR B 165 -25.70 -2.53 -33.33
C THR B 165 -26.40 -3.39 -34.41
N PRO B 166 -26.13 -3.13 -35.70
CA PRO B 166 -26.75 -3.99 -36.77
C PRO B 166 -26.22 -5.47 -36.80
N ASP B 167 -27.03 -6.34 -37.34
CA ASP B 167 -26.54 -7.68 -37.64
C ASP B 167 -25.32 -7.55 -38.59
N ASN B 168 -24.42 -8.51 -38.40
CA ASN B 168 -23.25 -8.65 -39.33
C ASN B 168 -22.38 -7.38 -39.42
N THR B 169 -22.10 -6.83 -38.27
CA THR B 169 -21.29 -5.60 -38.24
C THR B 169 -19.80 -5.89 -38.13
N TYR B 170 -19.45 -6.91 -37.30
CA TYR B 170 -18.06 -7.09 -36.95
C TYR B 170 -17.49 -8.38 -37.45
N ASP B 171 -16.20 -8.35 -37.78
CA ASP B 171 -15.45 -9.59 -37.99
C ASP B 171 -15.08 -10.27 -36.65
N VAL B 172 -14.70 -9.48 -35.63
CA VAL B 172 -14.24 -10.02 -34.36
C VAL B 172 -14.87 -9.14 -33.28
N VAL B 173 -15.37 -9.81 -32.19
CA VAL B 173 -15.85 -9.17 -31.00
C VAL B 173 -14.98 -9.70 -29.85
N ILE B 174 -14.34 -8.78 -29.12
CA ILE B 174 -13.49 -9.14 -27.94
C ILE B 174 -14.08 -8.57 -26.68
N ILE B 175 -14.43 -9.45 -25.71
CA ILE B 175 -15.15 -9.03 -24.49
C ILE B 175 -14.21 -8.99 -23.34
N ASP B 176 -13.57 -7.87 -23.14
CA ASP B 176 -12.54 -7.75 -22.12
C ASP B 176 -13.13 -7.05 -20.92
N THR B 177 -13.72 -7.87 -20.04
CA THR B 177 -14.46 -7.32 -18.91
C THR B 177 -13.84 -7.71 -17.60
N THR B 178 -14.30 -6.92 -16.63
CA THR B 178 -14.04 -7.27 -15.24
C THR B 178 -14.77 -8.59 -14.86
N ASP B 179 -14.56 -9.00 -13.61
CA ASP B 179 -15.20 -10.21 -13.09
C ASP B 179 -16.75 -10.03 -13.01
N PRO B 180 -17.52 -11.13 -12.80
CA PRO B 180 -19.01 -11.04 -12.82
C PRO B 180 -19.57 -10.13 -11.72
N ALA B 181 -18.87 -9.99 -10.59
CA ALA B 181 -19.38 -9.07 -9.56
C ALA B 181 -19.11 -7.64 -9.91
N GLY B 182 -20.18 -6.92 -10.24
CA GLY B 182 -20.01 -5.54 -10.57
C GLY B 182 -20.71 -5.32 -11.91
N PRO B 183 -20.33 -4.25 -12.59
CA PRO B 183 -21.04 -3.85 -13.83
C PRO B 183 -20.94 -4.80 -15.01
N ALA B 184 -20.04 -5.77 -14.94
CA ALA B 184 -19.94 -6.76 -16.00
C ALA B 184 -20.92 -7.92 -15.88
N SER B 185 -21.71 -7.92 -14.80
CA SER B 185 -22.56 -9.06 -14.50
C SER B 185 -23.34 -9.63 -15.73
N LYS B 186 -24.09 -8.80 -16.48
CA LYS B 186 -24.90 -9.38 -17.56
C LYS B 186 -24.04 -9.81 -18.78
N LEU B 187 -22.76 -9.38 -18.80
CA LEU B 187 -21.89 -9.76 -19.93
C LEU B 187 -21.40 -11.19 -19.87
N PHE B 188 -21.68 -11.87 -18.76
CA PHE B 188 -21.39 -13.27 -18.60
C PHE B 188 -22.64 -14.10 -18.93
N GLY B 189 -23.73 -13.45 -19.35
CA GLY B 189 -25.00 -14.15 -19.55
C GLY B 189 -25.34 -14.49 -21.01
N GLU B 190 -26.26 -15.49 -21.14
CA GLU B 190 -26.69 -15.96 -22.45
C GLU B 190 -27.33 -14.88 -23.34
N ALA B 191 -28.09 -13.92 -22.80
CA ALA B 191 -28.81 -12.96 -23.63
C ALA B 191 -27.77 -12.10 -24.34
N PHE B 192 -26.76 -11.71 -23.57
CA PHE B 192 -25.64 -10.90 -24.17
C PHE B 192 -24.98 -11.65 -25.35
N TYR B 193 -24.63 -12.94 -25.12
CA TYR B 193 -23.99 -13.71 -26.21
C TYR B 193 -24.87 -13.94 -27.45
N LYS B 194 -26.21 -13.96 -27.23
CA LYS B 194 -27.11 -14.02 -28.33
C LYS B 194 -26.94 -12.84 -29.26
N ASP B 195 -26.80 -11.66 -28.68
CA ASP B 195 -26.59 -10.47 -29.47
C ASP B 195 -25.19 -10.43 -30.02
N VAL B 196 -24.18 -10.98 -29.32
CA VAL B 196 -22.82 -11.00 -29.91
C VAL B 196 -22.81 -11.87 -31.17
N LEU B 197 -23.52 -13.02 -31.12
CA LEU B 197 -23.58 -13.80 -32.30
C LEU B 197 -24.20 -13.09 -33.50
N ARG B 198 -25.27 -12.33 -33.21
CA ARG B 198 -26.02 -11.64 -34.21
C ARG B 198 -25.19 -10.55 -34.84
N ILE B 199 -24.37 -9.88 -34.05
CA ILE B 199 -23.62 -8.75 -34.60
C ILE B 199 -22.37 -9.17 -35.32
N LEU B 200 -21.97 -10.42 -35.22
CA LEU B 200 -20.86 -10.98 -35.98
C LEU B 200 -21.31 -11.33 -37.41
N LYS B 201 -20.41 -11.11 -38.33
CA LYS B 201 -20.52 -11.57 -39.67
C LYS B 201 -20.43 -13.07 -39.76
N PRO B 202 -20.77 -13.66 -40.90
CA PRO B 202 -20.77 -15.12 -40.98
C PRO B 202 -19.47 -15.81 -40.58
N ASP B 203 -18.31 -15.20 -40.77
CA ASP B 203 -17.02 -15.81 -40.56
C ASP B 203 -16.53 -15.25 -39.23
N GLY B 204 -17.41 -14.69 -38.42
CA GLY B 204 -16.95 -13.98 -37.23
C GLY B 204 -16.37 -14.85 -36.11
N ILE B 205 -15.53 -14.20 -35.28
CA ILE B 205 -14.86 -14.83 -34.12
C ILE B 205 -15.14 -13.93 -32.91
N CYS B 206 -15.45 -14.50 -31.77
CA CYS B 206 -15.49 -13.74 -30.49
C CYS B 206 -14.57 -14.37 -29.49
N CYS B 207 -14.00 -13.56 -28.59
CA CYS B 207 -13.34 -14.17 -27.44
C CYS B 207 -13.67 -13.31 -26.23
N ASN B 208 -13.44 -13.87 -25.06
CA ASN B 208 -13.85 -13.12 -23.83
C ASN B 208 -12.80 -13.18 -22.75
N GLN B 209 -13.15 -12.57 -21.63
CA GLN B 209 -12.35 -12.83 -20.42
C GLN B 209 -13.04 -14.01 -19.76
N GLY B 210 -12.41 -15.16 -19.85
CA GLY B 210 -13.16 -16.47 -19.62
C GLY B 210 -12.89 -17.02 -18.25
N GLU B 211 -12.21 -16.28 -17.36
CA GLU B 211 -12.09 -16.69 -15.92
C GLU B 211 -11.18 -17.93 -15.77
N SER B 212 -11.17 -18.54 -14.58
CA SER B 212 -10.11 -19.44 -14.15
C SER B 212 -10.50 -20.91 -14.13
N ILE B 213 -9.62 -21.82 -14.55
CA ILE B 213 -10.02 -23.25 -14.46
C ILE B 213 -9.87 -23.77 -13.03
N TRP B 214 -9.28 -22.99 -12.14
CA TRP B 214 -9.04 -23.33 -10.74
C TRP B 214 -10.17 -22.91 -9.83
N LEU B 215 -10.79 -21.80 -10.21
CA LEU B 215 -11.80 -21.11 -9.33
C LEU B 215 -13.16 -21.15 -9.96
N ASP B 216 -13.24 -21.27 -11.29
CA ASP B 216 -14.48 -21.00 -12.02
C ASP B 216 -14.82 -22.05 -13.02
N LEU B 217 -14.34 -23.29 -12.77
CA LEU B 217 -14.57 -24.34 -13.77
C LEU B 217 -16.07 -24.50 -14.16
N GLU B 218 -16.93 -24.46 -13.14
CA GLU B 218 -18.37 -24.65 -13.40
C GLU B 218 -18.92 -23.52 -14.29
N LEU B 219 -18.45 -22.32 -14.07
CA LEU B 219 -18.95 -21.20 -14.86
C LEU B 219 -18.48 -21.40 -16.30
N ILE B 220 -17.18 -21.74 -16.46
CA ILE B 220 -16.66 -22.00 -17.80
C ILE B 220 -17.45 -23.06 -18.55
N GLU B 221 -17.81 -24.15 -17.84
CA GLU B 221 -18.64 -25.21 -18.42
C GLU B 221 -19.99 -24.67 -18.87
N LYS B 222 -20.58 -23.91 -17.98
CA LYS B 222 -21.91 -23.28 -18.25
C LYS B 222 -21.84 -22.32 -19.45
N MET B 223 -20.83 -21.46 -19.45
CA MET B 223 -20.78 -20.51 -20.55
C MET B 223 -20.40 -21.14 -21.88
N SER B 224 -19.47 -22.11 -21.88
CA SER B 224 -19.08 -22.80 -23.08
C SER B 224 -20.33 -23.47 -23.70
N ARG B 225 -21.11 -24.12 -22.82
CA ARG B 225 -22.36 -24.76 -23.26
C ARG B 225 -23.36 -23.75 -23.78
N PHE B 226 -23.66 -22.71 -23.02
CA PHE B 226 -24.72 -21.79 -23.58
C PHE B 226 -24.28 -21.01 -24.86
N ILE B 227 -22.97 -20.76 -24.98
CA ILE B 227 -22.52 -20.07 -26.18
C ILE B 227 -22.67 -20.99 -27.41
N ARG B 228 -22.37 -22.29 -27.28
CA ARG B 228 -22.65 -23.19 -28.39
C ARG B 228 -24.17 -23.22 -28.62
N GLU B 229 -24.96 -23.30 -27.57
CA GLU B 229 -26.41 -23.43 -27.72
C GLU B 229 -27.02 -22.19 -28.39
N THR B 230 -26.45 -21.01 -28.13
CA THR B 230 -26.92 -19.78 -28.82
C THR B 230 -26.71 -19.86 -30.30
N GLY B 231 -25.75 -20.65 -30.77
CA GLY B 231 -25.56 -20.89 -32.19
C GLY B 231 -24.12 -20.74 -32.69
N PHE B 232 -23.16 -20.44 -31.81
CA PHE B 232 -21.80 -20.52 -32.28
C PHE B 232 -21.43 -21.96 -32.62
N ALA B 233 -20.70 -22.15 -33.74
CA ALA B 233 -20.31 -23.51 -34.22
C ALA B 233 -19.29 -24.18 -33.36
N SER B 234 -18.44 -23.40 -32.69
CA SER B 234 -17.43 -24.04 -31.87
C SER B 234 -16.92 -23.01 -30.87
N VAL B 235 -16.54 -23.51 -29.72
CA VAL B 235 -15.99 -22.74 -28.60
C VAL B 235 -14.80 -23.51 -28.04
N GLN B 236 -13.67 -22.82 -27.81
CA GLN B 236 -12.48 -23.52 -27.25
C GLN B 236 -11.84 -22.56 -26.28
N TYR B 237 -11.49 -23.04 -25.08
CA TYR B 237 -10.86 -22.23 -24.10
C TYR B 237 -9.33 -22.26 -24.27
N ALA B 238 -8.72 -21.04 -24.29
CA ALA B 238 -7.26 -20.87 -24.39
C ALA B 238 -6.81 -20.42 -23.01
N LEU B 239 -5.87 -21.16 -22.44
CA LEU B 239 -5.34 -20.89 -21.08
C LEU B 239 -4.04 -20.11 -21.22
N MET B 240 -3.77 -19.17 -20.32
CA MET B 240 -2.54 -18.31 -20.41
C MET B 240 -1.99 -17.99 -19.04
N HIS B 241 -0.70 -17.78 -18.99
CA HIS B 241 0.02 -17.54 -17.71
C HIS B 241 0.04 -16.05 -17.41
N VAL B 242 -0.65 -15.66 -16.33
CA VAL B 242 -0.67 -14.25 -15.91
C VAL B 242 -0.54 -14.20 -14.36
N PRO B 243 0.66 -13.91 -13.91
CA PRO B 243 0.91 -13.99 -12.44
C PRO B 243 -0.06 -13.24 -11.60
N THR B 244 -0.46 -12.11 -12.07
CA THR B 244 -1.25 -11.22 -11.20
C THR B 244 -2.76 -11.30 -11.47
N TYR B 245 -3.27 -12.39 -12.08
CA TYR B 245 -4.69 -12.73 -11.94
C TYR B 245 -4.74 -13.91 -10.95
N PRO B 246 -5.89 -14.05 -10.30
CA PRO B 246 -6.01 -15.08 -9.19
C PRO B 246 -5.66 -16.51 -9.68
N CYS B 247 -4.73 -17.08 -8.95
CA CYS B 247 -4.17 -18.43 -9.17
C CYS B 247 -3.19 -18.49 -10.31
N GLY B 248 -2.90 -17.32 -10.89
CA GLY B 248 -1.76 -17.22 -11.87
C GLY B 248 -2.11 -17.57 -13.29
N SER B 249 -3.39 -17.62 -13.61
CA SER B 249 -3.76 -17.80 -14.99
C SER B 249 -5.14 -17.21 -15.26
N ILE B 250 -5.48 -17.11 -16.52
CA ILE B 250 -6.84 -16.76 -16.92
C ILE B 250 -7.01 -17.43 -18.25
N GLY B 251 -8.25 -17.44 -18.78
CA GLY B 251 -8.44 -18.06 -20.10
C GLY B 251 -9.37 -17.18 -20.90
N THR B 252 -9.53 -17.54 -22.14
CA THR B 252 -10.47 -16.85 -22.99
C THR B 252 -11.22 -17.92 -23.82
N LEU B 253 -12.54 -17.80 -23.89
CA LEU B 253 -13.28 -18.68 -24.77
C LEU B 253 -13.27 -18.17 -26.18
N VAL B 254 -12.66 -18.90 -27.12
CA VAL B 254 -12.54 -18.43 -28.49
C VAL B 254 -13.59 -19.15 -29.33
N CYS B 255 -14.48 -18.35 -29.93
CA CYS B 255 -15.74 -18.95 -30.45
C CYS B 255 -15.83 -18.60 -31.90
N SER B 256 -16.30 -19.52 -32.72
CA SER B 256 -16.44 -19.29 -34.13
C SER B 256 -17.88 -19.40 -34.57
N LYS B 257 -18.32 -18.38 -35.35
CA LYS B 257 -19.72 -18.43 -35.79
C LYS B 257 -19.89 -19.48 -36.83
N LYS B 258 -18.89 -19.59 -37.67
CA LYS B 258 -18.92 -20.47 -38.80
C LYS B 258 -18.44 -21.88 -38.42
N ALA B 259 -19.16 -22.87 -38.99
CA ALA B 259 -18.81 -24.22 -38.83
C ALA B 259 -17.59 -24.58 -39.60
N GLY B 260 -16.89 -25.61 -39.10
CA GLY B 260 -15.71 -26.16 -39.76
C GLY B 260 -14.40 -25.46 -39.44
N VAL B 261 -14.42 -24.50 -38.52
CA VAL B 261 -13.22 -23.66 -38.26
C VAL B 261 -12.57 -24.22 -37.03
N ASP B 262 -11.23 -24.40 -37.07
CA ASP B 262 -10.47 -24.89 -35.92
C ASP B 262 -9.59 -23.74 -35.44
N VAL B 263 -10.07 -23.05 -34.40
CA VAL B 263 -9.34 -21.87 -33.97
C VAL B 263 -8.05 -22.24 -33.31
N THR B 264 -7.84 -23.52 -33.06
CA THR B 264 -6.65 -23.89 -32.22
C THR B 264 -5.38 -23.94 -33.02
N LYS B 265 -5.48 -23.94 -34.34
CA LYS B 265 -4.32 -23.83 -35.27
C LYS B 265 -4.44 -22.49 -35.98
N PRO B 266 -3.45 -21.58 -35.81
CA PRO B 266 -3.70 -20.27 -36.41
C PRO B 266 -3.98 -20.33 -37.90
N LEU B 267 -4.97 -19.58 -38.30
CA LEU B 267 -5.34 -19.42 -39.72
C LEU B 267 -4.48 -18.46 -40.45
N ARG B 268 -4.07 -17.36 -39.80
CA ARG B 268 -3.20 -16.38 -40.38
C ARG B 268 -2.07 -16.19 -39.34
N PRO B 269 -0.98 -16.98 -39.48
CA PRO B 269 0.03 -16.94 -38.41
C PRO B 269 0.57 -15.53 -38.23
N VAL B 270 0.76 -15.16 -36.99
CA VAL B 270 1.43 -13.93 -36.75
C VAL B 270 2.83 -13.84 -37.37
N GLU B 271 3.54 -14.97 -37.52
CA GLU B 271 4.90 -14.92 -37.98
C GLU B 271 5.03 -14.35 -39.38
N ASP B 272 3.94 -14.31 -40.09
CA ASP B 272 3.95 -13.86 -41.50
C ASP B 272 3.72 -12.32 -41.45
N MET B 273 3.59 -11.74 -40.24
CA MET B 273 3.27 -10.30 -40.07
C MET B 273 4.47 -9.56 -39.51
N PRO B 274 4.65 -8.29 -39.84
CA PRO B 274 5.92 -7.58 -39.53
C PRO B 274 6.22 -7.26 -38.05
N PHE B 275 5.20 -7.40 -37.20
CA PHE B 275 5.32 -7.08 -35.82
C PHE B 275 5.49 -8.35 -34.99
N ALA B 276 5.51 -9.54 -35.57
CA ALA B 276 5.67 -10.75 -34.73
C ALA B 276 6.82 -10.69 -33.77
N LYS B 277 8.00 -10.16 -34.21
CA LYS B 277 9.12 -10.17 -33.30
C LYS B 277 9.09 -9.17 -32.13
N ASP B 278 8.16 -8.23 -32.16
CA ASP B 278 7.95 -7.30 -31.06
C ASP B 278 7.12 -7.92 -29.96
N LEU B 279 6.43 -9.03 -30.20
CA LEU B 279 5.60 -9.58 -29.12
C LEU B 279 6.44 -10.30 -28.06
N LYS B 280 5.95 -10.16 -26.82
CA LYS B 280 6.65 -10.71 -25.68
C LYS B 280 6.18 -12.08 -25.16
N TYR B 281 4.93 -12.42 -25.51
CA TYR B 281 4.40 -13.71 -25.10
C TYR B 281 3.98 -14.57 -26.32
N TYR B 282 3.06 -14.02 -27.09
CA TYR B 282 2.37 -14.78 -28.12
C TYR B 282 3.20 -15.11 -29.32
N ASP B 283 3.00 -16.34 -29.80
CA ASP B 283 3.47 -16.79 -31.16
C ASP B 283 2.68 -18.02 -31.51
N SER B 284 2.91 -18.59 -32.72
CA SER B 284 1.96 -19.60 -33.11
C SER B 284 2.08 -20.86 -32.25
N GLU B 285 3.27 -21.13 -31.69
CA GLU B 285 3.44 -22.33 -30.81
C GLU B 285 2.65 -22.11 -29.53
N MET B 286 2.70 -20.86 -29.04
CA MET B 286 1.95 -20.54 -27.79
C MET B 286 0.45 -20.65 -28.09
N HIS B 287 0.07 -20.19 -29.28
CA HIS B 287 -1.39 -20.25 -29.62
C HIS B 287 -1.88 -21.70 -29.56
N LYS B 288 -1.17 -22.58 -30.25
CA LYS B 288 -1.67 -24.00 -30.21
C LYS B 288 -1.58 -24.59 -28.82
N ALA B 289 -0.48 -24.28 -28.13
CA ALA B 289 -0.32 -24.83 -26.79
C ALA B 289 -1.40 -24.40 -25.83
N SER B 290 -1.98 -23.20 -26.07
CA SER B 290 -2.91 -22.59 -25.07
C SER B 290 -4.21 -23.41 -24.97
N PHE B 291 -4.46 -24.18 -26.00
CA PHE B 291 -5.73 -24.98 -25.99
C PHE B 291 -5.53 -26.35 -25.43
N ALA B 292 -4.34 -26.71 -25.05
CA ALA B 292 -4.10 -27.96 -24.30
C ALA B 292 -4.38 -27.69 -22.86
N LEU B 293 -5.42 -28.37 -22.32
CA LEU B 293 -5.81 -28.13 -20.93
C LEU B 293 -5.47 -29.31 -19.99
N PRO B 294 -5.23 -28.98 -18.71
CA PRO B 294 -5.05 -30.06 -17.74
C PRO B 294 -6.15 -31.09 -17.87
N ARG B 295 -5.82 -32.34 -17.55
CA ARG B 295 -6.89 -33.35 -17.71
C ARG B 295 -8.14 -32.98 -16.99
N PHE B 296 -8.09 -32.40 -15.80
CA PHE B 296 -9.31 -32.12 -15.05
C PHE B 296 -10.24 -31.15 -15.79
N ALA B 297 -9.67 -30.39 -16.73
CA ALA B 297 -10.43 -29.34 -17.43
C ALA B 297 -10.65 -29.58 -18.93
N ARG B 298 -10.06 -30.67 -19.48
CA ARG B 298 -9.89 -30.84 -20.91
C ARG B 298 -11.25 -31.06 -21.58
N HIS B 299 -12.21 -31.55 -20.83
CA HIS B 299 -13.58 -31.65 -21.39
C HIS B 299 -14.18 -30.35 -21.97
N ILE B 300 -13.69 -29.18 -21.50
CA ILE B 300 -14.17 -27.88 -22.01
C ILE B 300 -13.90 -27.88 -23.51
N ASN B 301 -12.81 -28.50 -23.96
CA ASN B 301 -12.32 -28.40 -25.35
C ASN B 301 -12.52 -29.65 -26.16
N ASN B 302 -12.83 -30.74 -25.48
CA ASN B 302 -13.14 -32.00 -26.12
C ASN B 302 -12.09 -33.09 -25.97
N MET C 9 -19.29 36.71 21.76
CA MET C 9 -19.15 36.93 23.22
C MET C 9 -18.05 37.95 23.54
N PRO C 10 -16.76 37.69 23.16
CA PRO C 10 -15.59 38.42 23.65
C PRO C 10 -15.26 39.76 22.98
N GLY C 11 -14.68 40.68 23.75
CA GLY C 11 -14.10 41.92 23.21
C GLY C 11 -12.75 42.32 23.75
N SER C 12 -12.69 43.57 24.19
CA SER C 12 -11.47 44.21 24.67
C SER C 12 -10.96 43.58 25.96
N GLU C 13 -11.86 42.91 26.67
CA GLU C 13 -11.55 42.31 27.98
C GLU C 13 -10.59 41.15 27.97
N LEU C 14 -10.34 40.60 26.79
CA LEU C 14 -9.35 39.51 26.67
C LEU C 14 -7.89 39.97 26.76
N ILE C 15 -7.65 41.26 26.80
CA ILE C 15 -6.27 41.76 27.08
C ILE C 15 -6.21 42.16 28.55
N SER C 16 -5.41 41.44 29.32
CA SER C 16 -5.34 41.58 30.79
C SER C 16 -3.87 41.38 31.18
N GLY C 17 -3.37 42.19 32.11
CA GLY C 17 -2.01 41.96 32.63
C GLY C 17 -0.92 41.86 31.58
N GLY C 18 -1.14 42.57 30.47
CA GLY C 18 -0.17 42.69 29.41
C GLY C 18 -0.25 41.51 28.42
N TRP C 19 -1.26 40.67 28.53
CA TRP C 19 -1.36 39.52 27.62
C TRP C 19 -2.75 39.50 26.97
N PHE C 20 -2.79 38.99 25.75
CA PHE C 20 -4.05 38.63 25.12
C PHE C 20 -4.31 37.17 25.40
N ARG C 21 -5.45 36.87 25.98
CA ARG C 21 -5.85 35.49 26.31
C ARG C 21 -7.06 35.03 25.46
N GLU C 22 -6.86 33.96 24.67
CA GLU C 22 -7.91 33.56 23.74
C GLU C 22 -8.93 32.63 24.40
N GLU C 23 -9.64 33.21 25.38
CA GLU C 23 -10.65 32.47 26.15
C GLU C 23 -11.92 32.51 25.33
N ASN C 24 -12.55 31.37 25.20
CA ASN C 24 -13.74 31.30 24.38
C ASN C 24 -14.59 30.13 24.75
N ASP C 25 -15.90 30.31 24.68
CA ASP C 25 -16.69 29.13 25.00
C ASP C 25 -16.78 28.06 23.86
N GLN C 26 -16.14 28.39 22.74
CA GLN C 26 -15.99 27.43 21.68
C GLN C 26 -14.88 26.41 21.99
N TRP C 27 -13.99 26.73 22.97
CA TRP C 27 -12.99 25.74 23.42
C TRP C 27 -12.87 25.97 24.94
N PRO C 28 -13.84 25.46 25.70
CA PRO C 28 -13.86 25.67 27.14
C PRO C 28 -12.64 25.11 27.78
N GLY C 29 -12.15 25.85 28.77
CA GLY C 29 -11.03 25.34 29.59
C GLY C 29 -9.62 25.54 29.14
N GLN C 30 -9.46 26.15 27.97
CA GLN C 30 -8.13 26.40 27.41
C GLN C 30 -8.01 27.73 26.74
N ALA C 31 -6.80 28.26 26.65
CA ALA C 31 -6.63 29.51 25.94
C ALA C 31 -5.19 29.70 25.59
N MET C 32 -4.92 29.92 24.30
CA MET C 32 -3.60 30.43 23.97
C MET C 32 -3.47 31.87 24.39
N SER C 33 -2.32 32.20 24.96
CA SER C 33 -2.03 33.52 25.34
C SER C 33 -0.78 34.07 24.71
N LEU C 34 -0.84 35.36 24.27
CA LEU C 34 0.30 36.04 23.62
C LEU C 34 0.55 37.38 24.30
N ARG C 35 1.81 37.68 24.57
CA ARG C 35 2.15 38.91 25.32
C ARG C 35 1.88 40.04 24.34
N VAL C 36 1.32 41.16 24.82
CA VAL C 36 1.02 42.32 24.02
C VAL C 36 2.04 43.43 24.20
N GLU C 37 2.72 43.80 23.12
CA GLU C 37 3.71 44.88 23.15
C GLU C 37 2.98 46.25 22.94
N LYS C 38 2.04 46.26 22.02
CA LYS C 38 1.34 47.45 21.58
C LYS C 38 0.04 47.09 20.87
N VAL C 39 -1.04 47.70 21.33
CA VAL C 39 -2.34 47.55 20.66
C VAL C 39 -2.45 48.52 19.50
N LEU C 40 -2.77 47.98 18.35
CA LEU C 40 -2.84 48.76 17.12
C LEU C 40 -4.24 49.15 16.72
N TYR C 41 -5.19 48.31 17.13
CA TYR C 41 -6.59 48.50 16.78
C TYR C 41 -7.42 47.71 17.77
N ASP C 42 -8.51 48.28 18.29
CA ASP C 42 -9.34 47.50 19.18
C ASP C 42 -10.69 48.17 19.21
N ALA C 43 -11.64 47.63 18.47
CA ALA C 43 -12.93 48.28 18.38
C ALA C 43 -13.91 47.42 17.63
N PRO C 44 -15.20 47.59 17.94
CA PRO C 44 -16.21 46.97 17.10
C PRO C 44 -16.21 47.51 15.67
N THR C 45 -16.32 46.59 14.72
CA THR C 45 -16.83 46.97 13.41
C THR C 45 -18.37 46.90 13.31
N LYS C 46 -18.89 47.01 12.10
CA LYS C 46 -20.33 46.78 11.85
C LYS C 46 -20.78 45.40 12.28
N PHE C 47 -19.83 44.43 12.33
CA PHE C 47 -20.20 43.04 12.50
C PHE C 47 -19.48 42.27 13.61
N GLN C 48 -18.24 42.67 13.92
CA GLN C 48 -17.36 41.85 14.78
C GLN C 48 -16.47 42.75 15.61
N HIS C 49 -15.91 42.23 16.72
CA HIS C 49 -14.95 42.95 17.42
C HIS C 49 -13.57 42.67 16.80
N LEU C 50 -12.84 43.70 16.42
CA LEU C 50 -11.56 43.59 15.71
C LEU C 50 -10.45 44.06 16.63
N THR C 51 -9.50 43.16 16.95
CA THR C 51 -8.36 43.52 17.80
C THR C 51 -7.10 43.21 16.99
N ILE C 52 -6.16 44.17 16.90
CA ILE C 52 -4.88 43.91 16.21
C ILE C 52 -3.82 44.42 17.18
N PHE C 53 -2.78 43.63 17.42
CA PHE C 53 -1.71 44.09 18.30
C PHE C 53 -0.39 43.59 17.81
N GLU C 54 0.69 44.29 18.18
CA GLU C 54 2.01 43.74 18.03
C GLU C 54 2.34 42.90 19.26
N SER C 55 2.78 41.67 19.02
CA SER C 55 3.13 40.78 20.08
C SER C 55 4.56 41.07 20.61
N ASP C 56 4.99 40.31 21.61
CA ASP C 56 6.33 40.52 22.21
C ASP C 56 7.40 40.42 21.16
N PRO C 57 8.26 41.45 21.02
CA PRO C 57 9.33 41.34 20.05
C PRO C 57 10.40 40.26 20.40
N LYS C 58 10.42 39.78 21.63
CA LYS C 58 11.29 38.64 21.97
C LYS C 58 10.78 37.30 21.50
N GLY C 59 9.49 37.27 21.12
CA GLY C 59 8.80 36.10 20.49
C GLY C 59 8.78 36.26 18.99
N PRO C 60 8.30 35.24 18.28
CA PRO C 60 8.40 35.28 16.83
C PRO C 60 7.12 35.73 16.06
N TRP C 61 6.06 35.93 16.78
CA TRP C 61 4.71 35.97 16.22
C TRP C 61 4.41 37.26 15.51
N GLY C 62 5.12 38.36 15.85
CA GLY C 62 4.85 39.63 15.14
C GLY C 62 3.44 40.17 15.38
N THR C 63 2.83 40.69 14.34
CA THR C 63 1.52 41.32 14.48
C THR C 63 0.43 40.24 14.47
N VAL C 64 -0.58 40.43 15.31
CA VAL C 64 -1.69 39.43 15.52
C VAL C 64 -3.02 40.09 15.28
N MET C 65 -3.94 39.39 14.60
CA MET C 65 -5.29 39.95 14.47
C MET C 65 -6.27 38.98 15.09
N ALA C 66 -7.26 39.48 15.81
CA ALA C 66 -8.39 38.59 16.30
C ALA C 66 -9.71 39.20 15.95
N LEU C 67 -10.69 38.31 15.74
CA LEU C 67 -12.05 38.71 15.43
C LEU C 67 -12.95 38.07 16.43
N ASP C 68 -13.76 38.88 17.15
CA ASP C 68 -14.65 38.27 18.23
C ASP C 68 -13.79 37.40 19.19
N GLY C 69 -12.59 37.88 19.45
CA GLY C 69 -11.68 37.22 20.42
C GLY C 69 -10.93 36.02 19.91
N CYS C 70 -11.06 35.74 18.62
CA CYS C 70 -10.47 34.49 18.01
C CYS C 70 -9.36 34.88 17.09
N ILE C 71 -8.15 34.39 17.40
CA ILE C 71 -7.00 34.71 16.60
C ILE C 71 -7.20 34.28 15.18
N GLN C 72 -6.96 35.21 14.26
CA GLN C 72 -7.12 34.99 12.80
C GLN C 72 -5.90 34.81 12.02
N VAL C 73 -4.89 35.63 12.34
CA VAL C 73 -3.64 35.55 11.60
C VAL C 73 -2.55 36.08 12.54
N THR C 74 -1.34 35.55 12.35
CA THR C 74 -0.13 36.26 12.89
C THR C 74 0.86 36.29 11.77
N ASP C 75 1.82 37.18 11.89
CA ASP C 75 2.79 37.29 10.83
C ASP C 75 3.59 35.99 10.62
N TYR C 76 3.85 35.28 11.72
CA TYR C 76 4.86 34.21 11.65
C TYR C 76 4.33 32.93 11.05
N ASP C 77 3.04 32.62 11.22
CA ASP C 77 2.55 31.35 10.70
C ASP C 77 1.44 31.45 9.66
N GLU C 78 1.11 32.70 9.22
CA GLU C 78 -0.06 32.84 8.31
C GLU C 78 0.11 32.06 7.05
N PHE C 79 1.34 31.83 6.64
CA PHE C 79 1.55 31.21 5.32
C PHE C 79 1.00 29.78 5.32
N VAL C 80 0.87 29.07 6.47
CA VAL C 80 0.43 27.67 6.39
C VAL C 80 -1.00 27.56 5.82
N TYR C 81 -1.97 28.15 6.53
CA TYR C 81 -3.37 28.08 6.14
C TYR C 81 -3.62 28.68 4.75
N HIS C 82 -2.95 29.78 4.44
CA HIS C 82 -3.18 30.38 3.15
C HIS C 82 -2.64 29.52 2.00
N GLU C 83 -1.44 28.98 2.17
CA GLU C 83 -0.88 28.08 1.20
C GLU C 83 -1.69 26.82 1.09
N VAL C 84 -2.13 26.24 2.17
CA VAL C 84 -2.83 24.93 2.11
C VAL C 84 -4.19 25.14 1.42
N LEU C 85 -4.97 26.21 1.78
CA LEU C 85 -6.28 26.37 1.14
C LEU C 85 -6.15 26.76 -0.32
N GLY C 86 -5.20 27.65 -0.64
CA GLY C 86 -5.00 28.06 -2.02
C GLY C 86 -4.53 26.98 -2.92
N HIS C 87 -3.49 26.27 -2.50
CA HIS C 87 -2.83 25.33 -3.44
C HIS C 87 -3.44 23.97 -3.37
N THR C 88 -3.98 23.51 -2.19
CA THR C 88 -4.57 22.18 -2.27
C THR C 88 -5.81 22.15 -3.19
N SER C 89 -6.58 23.23 -3.19
CA SER C 89 -7.77 23.31 -4.04
C SER C 89 -7.38 23.54 -5.46
N LEU C 90 -6.57 24.57 -5.72
CA LEU C 90 -6.25 24.81 -7.15
C LEU C 90 -5.40 23.70 -7.79
N CYS C 91 -4.49 23.05 -7.06
CA CYS C 91 -3.72 21.95 -7.67
C CYS C 91 -4.52 20.67 -7.76
N SER C 92 -5.77 20.66 -7.29
CA SER C 92 -6.71 19.53 -7.48
C SER C 92 -7.58 19.69 -8.70
N HIS C 93 -7.57 20.88 -9.31
CA HIS C 93 -8.49 21.23 -10.39
C HIS C 93 -7.71 21.23 -11.72
N PRO C 94 -8.38 20.80 -12.79
CA PRO C 94 -7.57 20.69 -14.06
C PRO C 94 -7.22 22.02 -14.73
N LYS C 95 -8.02 23.06 -14.44
CA LYS C 95 -7.79 24.40 -15.03
C LYS C 95 -8.65 25.46 -14.35
N PRO C 96 -8.18 25.96 -13.20
CA PRO C 96 -9.01 26.83 -12.37
C PRO C 96 -8.83 28.21 -12.88
N GLU C 97 -9.84 28.66 -13.63
CA GLU C 97 -9.87 30.00 -14.22
C GLU C 97 -10.66 31.02 -13.44
N ARG C 98 -11.81 30.63 -12.86
CA ARG C 98 -12.57 31.59 -12.11
C ARG C 98 -12.72 31.06 -10.69
N VAL C 99 -12.29 31.89 -9.72
CA VAL C 99 -12.30 31.51 -8.31
C VAL C 99 -13.15 32.43 -7.51
N LEU C 100 -13.84 31.88 -6.50
CA LEU C 100 -14.54 32.68 -5.54
C LEU C 100 -13.96 32.46 -4.18
N ILE C 101 -13.63 33.54 -3.47
CA ILE C 101 -13.27 33.41 -2.00
C ILE C 101 -14.39 34.04 -1.21
N ILE C 102 -14.98 33.30 -0.26
CA ILE C 102 -15.97 33.89 0.67
C ILE C 102 -15.22 34.05 1.97
N GLY C 103 -15.28 35.25 2.51
CA GLY C 103 -14.48 35.55 3.71
C GLY C 103 -13.11 36.05 3.14
N GLY C 104 -12.02 35.70 3.87
CA GLY C 104 -10.63 35.92 3.32
C GLY C 104 -10.26 37.42 3.18
N GLY C 105 -10.90 38.26 3.97
CA GLY C 105 -10.67 39.68 3.71
C GLY C 105 -9.29 40.18 4.04
N ASP C 106 -8.50 39.36 4.69
CA ASP C 106 -7.07 39.72 4.91
C ASP C 106 -6.25 39.60 3.65
N GLY C 107 -6.75 38.89 2.63
CA GLY C 107 -6.09 38.71 1.35
C GLY C 107 -5.18 37.55 1.22
N GLY C 108 -4.98 36.75 2.30
CA GLY C 108 -3.96 35.71 2.21
C GLY C 108 -4.18 34.58 1.22
N VAL C 109 -5.43 34.04 1.27
CA VAL C 109 -5.80 33.06 0.28
C VAL C 109 -5.71 33.65 -1.11
N LEU C 110 -6.22 34.85 -1.28
CA LEU C 110 -6.13 35.52 -2.57
C LEU C 110 -4.69 35.63 -3.07
N ARG C 111 -3.79 36.00 -2.19
CA ARG C 111 -2.35 36.05 -2.55
C ARG C 111 -1.85 34.71 -3.13
N GLU C 112 -2.21 33.57 -2.51
CA GLU C 112 -1.81 32.26 -3.04
C GLU C 112 -2.51 31.86 -4.32
N VAL C 113 -3.80 32.18 -4.42
CA VAL C 113 -4.59 31.83 -5.62
C VAL C 113 -3.95 32.55 -6.83
N LEU C 114 -3.59 33.82 -6.64
CA LEU C 114 -3.11 34.58 -7.77
C LEU C 114 -1.71 34.22 -8.20
N ARG C 115 -1.01 33.38 -7.44
CA ARG C 115 0.24 32.78 -7.97
C ARG C 115 -0.04 31.90 -9.21
N HIS C 116 -1.22 31.30 -9.32
CA HIS C 116 -1.55 30.39 -10.40
C HIS C 116 -1.83 31.15 -11.67
N GLY C 117 -1.01 30.82 -12.69
CA GLY C 117 -1.19 31.43 -14.00
C GLY C 117 -2.51 31.12 -14.68
N THR C 118 -3.17 30.02 -14.33
CA THR C 118 -4.45 29.68 -14.94
C THR C 118 -5.60 30.61 -14.52
N VAL C 119 -5.44 31.25 -13.36
CA VAL C 119 -6.57 32.08 -12.83
C VAL C 119 -6.78 33.32 -13.68
N GLU C 120 -7.93 33.40 -14.31
CA GLU C 120 -8.31 34.66 -14.97
C GLU C 120 -8.89 35.74 -14.07
N HIS C 121 -9.63 35.32 -13.06
CA HIS C 121 -10.27 36.22 -12.21
C HIS C 121 -10.61 35.55 -10.89
N CYS C 122 -10.50 36.28 -9.82
CA CYS C 122 -10.95 35.85 -8.46
C CYS C 122 -11.87 36.91 -7.84
N ASP C 123 -13.08 36.57 -7.47
CA ASP C 123 -13.92 37.38 -6.67
C ASP C 123 -13.74 37.07 -5.23
N LEU C 124 -13.73 38.08 -4.38
CA LEU C 124 -13.61 37.89 -2.96
C LEU C 124 -14.68 38.68 -2.27
N VAL C 125 -15.45 38.05 -1.40
CA VAL C 125 -16.62 38.65 -0.74
C VAL C 125 -16.57 38.40 0.76
N ASP C 126 -16.29 39.49 1.52
CA ASP C 126 -16.17 39.41 2.98
C ASP C 126 -17.18 40.38 3.54
N ILE C 127 -17.87 39.95 4.56
CA ILE C 127 -18.90 40.77 5.18
C ILE C 127 -18.34 42.01 5.81
N ASP C 128 -17.04 42.03 6.14
CA ASP C 128 -16.54 43.05 7.09
C ASP C 128 -15.43 43.89 6.46
N GLY C 129 -15.83 45.03 5.85
CA GLY C 129 -14.96 45.85 5.05
C GLY C 129 -13.86 46.40 5.93
N GLU C 130 -14.08 46.47 7.23
CA GLU C 130 -13.00 46.91 8.15
C GLU C 130 -11.82 45.94 8.23
N VAL C 131 -12.06 44.68 8.00
CA VAL C 131 -11.00 43.69 7.97
C VAL C 131 -10.04 44.00 6.83
N MET C 132 -10.60 44.37 5.68
CA MET C 132 -9.88 44.46 4.43
C MET C 132 -9.02 45.82 4.63
N GLU C 133 -9.62 46.87 5.21
CA GLU C 133 -8.90 48.14 5.49
C GLU C 133 -7.73 47.96 6.48
N GLN C 134 -7.99 47.23 7.55
CA GLN C 134 -6.96 47.02 8.57
C GLN C 134 -5.85 46.07 8.18
N SER C 135 -6.21 45.14 7.30
CA SER C 135 -5.23 44.24 6.76
C SER C 135 -4.30 44.97 5.86
N LYS C 136 -4.87 45.91 5.06
CA LYS C 136 -3.96 46.69 4.25
C LYS C 136 -3.05 47.61 5.10
N GLN C 137 -3.55 48.06 6.22
CA GLN C 137 -2.70 48.89 7.13
C GLN C 137 -1.65 48.13 7.89
N HIS C 138 -1.98 46.93 8.36
CA HIS C 138 -1.18 46.33 9.37
C HIS C 138 -0.59 44.99 8.94
N PHE C 139 -1.06 44.45 7.81
CA PHE C 139 -0.54 43.18 7.29
C PHE C 139 -0.31 43.31 5.82
N PRO C 140 0.52 44.28 5.43
CA PRO C 140 0.68 44.47 4.04
C PRO C 140 1.20 43.27 3.20
N GLN C 141 1.95 42.34 3.82
CA GLN C 141 2.49 41.19 3.11
C GLN C 141 1.38 40.09 2.91
N ILE C 142 0.33 40.19 3.69
CA ILE C 142 -0.84 39.35 3.41
C ILE C 142 -1.83 39.98 2.46
N SER C 143 -2.03 41.29 2.52
CA SER C 143 -3.11 42.01 1.80
C SER C 143 -2.68 42.63 0.47
N ARG C 144 -1.43 42.45 0.08
CA ARG C 144 -0.96 43.10 -1.17
C ARG C 144 -1.84 42.74 -2.37
N SER C 145 -2.32 41.50 -2.37
CA SER C 145 -3.15 40.90 -3.44
C SER C 145 -4.48 41.64 -3.67
N LEU C 146 -4.94 42.38 -2.68
CA LEU C 146 -6.37 42.77 -2.71
C LEU C 146 -6.60 43.77 -3.84
N ALA C 147 -5.53 44.42 -4.30
CA ALA C 147 -5.53 45.42 -5.33
C ALA C 147 -5.34 44.91 -6.73
N ASP C 148 -5.10 43.63 -6.83
CA ASP C 148 -4.62 43.08 -8.11
C ASP C 148 -5.77 43.22 -9.09
N PRO C 149 -5.52 43.62 -10.34
CA PRO C 149 -6.56 43.70 -11.39
C PRO C 149 -7.32 42.42 -11.68
N ARG C 150 -6.70 41.29 -11.31
CA ARG C 150 -7.38 39.97 -11.48
C ARG C 150 -8.33 39.71 -10.35
N ALA C 151 -8.41 40.60 -9.37
CA ALA C 151 -9.40 40.39 -8.27
C ALA C 151 -10.48 41.45 -8.27
N THR C 152 -11.68 41.05 -7.89
CA THR C 152 -12.72 41.95 -7.50
C THR C 152 -13.11 41.68 -6.09
N VAL C 153 -12.93 42.66 -5.23
CA VAL C 153 -13.26 42.60 -3.83
C VAL C 153 -14.56 43.33 -3.52
N ARG C 154 -15.51 42.64 -2.90
CA ARG C 154 -16.80 43.23 -2.49
C ARG C 154 -17.05 43.00 -1.07
N VAL C 155 -17.72 43.93 -0.45
CA VAL C 155 -18.16 43.76 0.91
C VAL C 155 -19.60 43.36 0.97
N GLY C 156 -19.82 42.25 1.65
CA GLY C 156 -21.13 41.61 1.67
C GLY C 156 -21.13 40.26 2.38
N ASP C 157 -22.33 39.80 2.70
CA ASP C 157 -22.56 38.48 3.30
C ASP C 157 -22.42 37.42 2.22
N GLY C 158 -21.52 36.44 2.47
CA GLY C 158 -21.34 35.33 1.50
C GLY C 158 -22.55 34.44 1.31
N LEU C 159 -23.42 34.38 2.35
CA LEU C 159 -24.66 33.59 2.23
C LEU C 159 -25.53 34.11 1.06
N ALA C 160 -25.73 35.43 1.05
CA ALA C 160 -26.51 36.05 -0.03
C ALA C 160 -25.79 36.01 -1.32
N PHE C 161 -24.45 36.20 -1.28
CA PHE C 161 -23.74 36.22 -2.53
C PHE C 161 -23.82 34.91 -3.34
N VAL C 162 -23.72 33.82 -2.63
CA VAL C 162 -23.77 32.56 -3.31
C VAL C 162 -25.20 32.20 -3.70
N ARG C 163 -26.18 32.69 -2.93
CA ARG C 163 -27.58 32.53 -3.34
C ARG C 163 -27.92 33.27 -4.61
N GLN C 164 -27.31 34.45 -4.79
CA GLN C 164 -27.57 35.28 -5.98
C GLN C 164 -26.75 34.87 -7.21
N THR C 165 -25.57 34.29 -6.94
CA THR C 165 -24.75 33.89 -8.06
C THR C 165 -25.44 32.84 -8.99
N PRO C 166 -25.26 32.97 -10.30
CA PRO C 166 -25.87 31.98 -11.17
C PRO C 166 -25.15 30.62 -11.19
N ASP C 167 -25.85 29.61 -11.67
CA ASP C 167 -25.29 28.27 -11.72
C ASP C 167 -24.05 28.29 -12.61
N ASN C 168 -23.13 27.39 -12.23
CA ASN C 168 -21.98 27.05 -13.15
C ASN C 168 -21.10 28.26 -13.43
N THR C 169 -20.78 28.97 -12.35
CA THR C 169 -19.98 30.22 -12.45
C THR C 169 -18.53 29.97 -12.18
N TYR C 170 -18.20 29.15 -11.20
CA TYR C 170 -16.82 29.11 -10.67
C TYR C 170 -16.22 27.75 -10.80
N ASP C 171 -14.90 27.74 -10.99
CA ASP C 171 -14.14 26.49 -10.97
C ASP C 171 -13.78 26.09 -9.55
N VAL C 172 -13.45 27.07 -8.70
CA VAL C 172 -13.04 26.83 -7.27
C VAL C 172 -13.70 27.80 -6.40
N VAL C 173 -14.31 27.30 -5.28
CA VAL C 173 -14.89 28.16 -4.24
C VAL C 173 -14.17 27.86 -2.95
N ILE C 174 -13.56 28.92 -2.38
CA ILE C 174 -12.81 28.72 -1.14
C ILE C 174 -13.53 29.50 -0.02
N ILE C 175 -13.89 28.86 1.08
CA ILE C 175 -14.73 29.44 2.10
C ILE C 175 -13.83 29.66 3.33
N ASP C 176 -13.17 30.85 3.35
CA ASP C 176 -12.29 31.19 4.43
C ASP C 176 -12.96 32.03 5.48
N THR C 177 -13.68 31.38 6.40
CA THR C 177 -14.57 32.10 7.32
C THR C 177 -14.02 31.99 8.75
N THR C 178 -14.57 32.87 9.57
CA THR C 178 -14.49 32.76 11.02
C THR C 178 -15.21 31.53 11.59
N ASP C 179 -15.06 31.33 12.88
CA ASP C 179 -15.78 30.24 13.60
C ASP C 179 -17.30 30.41 13.54
N PRO C 180 -18.04 29.33 13.76
CA PRO C 180 -19.51 29.43 13.73
C PRO C 180 -20.18 30.49 14.59
N ALA C 181 -19.60 30.88 15.72
CA ALA C 181 -20.24 31.94 16.52
C ALA C 181 -19.94 33.29 15.93
N GLY C 182 -20.98 33.98 15.42
CA GLY C 182 -20.78 35.24 14.77
C GLY C 182 -21.38 35.22 13.37
N PRO C 183 -20.93 36.15 12.57
CA PRO C 183 -21.57 36.24 11.21
C PRO C 183 -21.25 35.16 10.27
N ALA C 184 -20.36 34.21 10.63
CA ALA C 184 -20.19 33.05 9.75
C ALA C 184 -21.19 31.92 10.00
N SER C 185 -22.08 32.07 10.97
CA SER C 185 -22.89 30.95 11.43
C SER C 185 -23.59 30.14 10.35
N LYS C 186 -24.27 30.82 9.41
CA LYS C 186 -25.04 30.08 8.42
C LYS C 186 -24.12 29.47 7.35
N LEU C 187 -22.84 29.90 7.33
CA LEU C 187 -21.87 29.35 6.36
C LEU C 187 -21.40 27.94 6.72
N PHE C 188 -21.82 27.49 7.88
CA PHE C 188 -21.51 26.13 8.31
C PHE C 188 -22.74 25.21 8.11
N GLY C 189 -23.75 25.73 7.40
CA GLY C 189 -25.04 25.00 7.22
C GLY C 189 -25.19 24.36 5.86
N GLU C 190 -26.11 23.38 5.76
CA GLU C 190 -26.32 22.71 4.49
C GLU C 190 -26.92 23.58 3.34
N ALA C 191 -27.77 24.55 3.66
CA ALA C 191 -28.33 25.43 2.63
C ALA C 191 -27.26 26.20 1.87
N PHE C 192 -26.29 26.70 2.65
CA PHE C 192 -25.17 27.39 1.97
C PHE C 192 -24.45 26.43 1.04
N TYR C 193 -24.09 25.23 1.53
CA TYR C 193 -23.36 24.29 0.64
C TYR C 193 -24.15 23.85 -0.59
N LYS C 194 -25.49 23.91 -0.45
CA LYS C 194 -26.28 23.59 -1.65
C LYS C 194 -26.09 24.63 -2.69
N ASP C 195 -25.95 25.90 -2.28
CA ASP C 195 -25.68 26.94 -3.27
C ASP C 195 -24.23 26.85 -3.76
N VAL C 196 -23.29 26.50 -2.90
CA VAL C 196 -21.89 26.35 -3.38
C VAL C 196 -21.83 25.28 -4.46
N LEU C 197 -22.51 24.14 -4.23
CA LEU C 197 -22.53 23.13 -5.27
C LEU C 197 -23.07 23.66 -6.60
N ARG C 198 -24.20 24.38 -6.48
CA ARG C 198 -24.88 25.00 -7.66
C ARG C 198 -24.04 25.93 -8.52
N ILE C 199 -23.22 26.71 -7.81
CA ILE C 199 -22.47 27.78 -8.48
C ILE C 199 -21.17 27.26 -9.03
N LEU C 200 -20.79 26.05 -8.65
CA LEU C 200 -19.62 25.43 -9.23
C LEU C 200 -19.98 24.88 -10.62
N LYS C 201 -18.99 24.98 -11.52
CA LYS C 201 -19.00 24.30 -12.79
C LYS C 201 -18.90 22.75 -12.56
N PRO C 202 -19.19 21.97 -13.59
CA PRO C 202 -19.24 20.50 -13.37
C PRO C 202 -17.95 19.89 -12.81
N ASP C 203 -16.80 20.44 -13.07
CA ASP C 203 -15.55 19.92 -12.56
C ASP C 203 -15.09 20.75 -11.39
N GLY C 204 -16.03 21.45 -10.73
CA GLY C 204 -15.64 22.34 -9.61
C GLY C 204 -15.11 21.69 -8.33
N ILE C 205 -14.32 22.47 -7.61
CA ILE C 205 -13.72 22.07 -6.31
C ILE C 205 -14.11 23.13 -5.29
N CYS C 206 -14.42 22.75 -4.07
CA CYS C 206 -14.42 23.74 -3.03
C CYS C 206 -13.69 23.30 -1.84
N CYS C 207 -13.32 24.28 -1.05
CA CYS C 207 -12.73 23.98 0.23
C CYS C 207 -13.09 25.03 1.26
N ASN C 208 -12.90 24.70 2.55
CA ASN C 208 -13.42 25.57 3.58
C ASN C 208 -12.48 25.72 4.76
N GLN C 209 -12.90 26.52 5.75
CA GLN C 209 -12.24 26.52 7.01
C GLN C 209 -12.99 25.42 7.82
N GLY C 210 -12.35 24.28 7.98
CA GLY C 210 -13.06 23.04 8.38
C GLY C 210 -12.95 22.69 9.84
N GLU C 211 -12.32 23.57 10.65
CA GLU C 211 -12.31 23.43 12.14
C GLU C 211 -11.44 22.24 12.58
N SER C 212 -11.54 21.86 13.85
CA SER C 212 -10.53 21.06 14.50
C SER C 212 -10.92 19.64 14.80
N ILE C 213 -10.03 18.70 14.48
CA ILE C 213 -10.30 17.30 14.86
C ILE C 213 -10.32 17.05 16.39
N TRP C 214 -9.77 17.97 17.17
CA TRP C 214 -9.72 17.82 18.67
C TRP C 214 -10.91 18.42 19.38
N LEU C 215 -11.43 19.45 18.76
CA LEU C 215 -12.57 20.23 19.33
C LEU C 215 -13.90 20.09 18.62
N ASP C 216 -13.87 19.75 17.32
CA ASP C 216 -15.06 19.81 16.47
C ASP C 216 -15.29 18.57 15.70
N LEU C 217 -14.84 17.39 16.20
CA LEU C 217 -14.89 16.21 15.29
C LEU C 217 -16.35 15.92 14.91
N GLU C 218 -17.29 16.13 15.85
CA GLU C 218 -18.68 15.88 15.47
C GLU C 218 -19.20 16.83 14.41
N LEU C 219 -18.79 18.10 14.46
CA LEU C 219 -19.19 19.11 13.46
C LEU C 219 -18.57 18.68 12.10
N ILE C 220 -17.31 18.26 12.11
CA ILE C 220 -16.69 17.84 10.85
C ILE C 220 -17.44 16.63 10.29
N GLU C 221 -17.83 15.64 11.13
CA GLU C 221 -18.58 14.51 10.61
C GLU C 221 -19.93 14.94 10.02
N LYS C 222 -20.58 15.87 10.71
CA LYS C 222 -21.92 16.30 10.24
C LYS C 222 -21.78 17.04 8.89
N MET C 223 -20.78 17.93 8.81
CA MET C 223 -20.59 18.68 7.55
C MET C 223 -20.14 17.80 6.36
N SER C 224 -19.20 16.88 6.61
CA SER C 224 -18.77 16.03 5.51
C SER C 224 -19.96 15.25 4.99
N ARG C 225 -20.80 14.81 5.93
CA ARG C 225 -21.94 14.05 5.51
C ARG C 225 -22.94 14.94 4.73
N PHE C 226 -23.28 16.12 5.24
CA PHE C 226 -24.29 16.94 4.51
C PHE C 226 -23.80 17.42 3.13
N ILE C 227 -22.47 17.58 3.06
CA ILE C 227 -21.87 18.05 1.80
C ILE C 227 -22.00 16.97 0.75
N ARG C 228 -21.73 15.70 1.12
CA ARG C 228 -21.99 14.64 0.17
C ARG C 228 -23.53 14.51 -0.05
N GLU C 229 -24.34 14.65 1.00
CA GLU C 229 -25.81 14.54 0.77
C GLU C 229 -26.37 15.57 -0.22
N THR C 230 -25.80 16.77 -0.19
CA THR C 230 -26.24 17.85 -1.11
C THR C 230 -25.92 17.55 -2.60
N GLY C 231 -24.91 16.69 -2.81
CA GLY C 231 -24.57 16.23 -4.12
C GLY C 231 -23.09 16.31 -4.48
N PHE C 232 -22.27 16.75 -3.54
CA PHE C 232 -20.81 16.63 -3.90
C PHE C 232 -20.41 15.17 -3.97
N ALA C 233 -19.61 14.81 -4.96
CA ALA C 233 -19.22 13.42 -5.12
C ALA C 233 -18.19 12.92 -4.13
N SER C 234 -17.31 13.77 -3.65
CA SER C 234 -16.37 13.35 -2.65
C SER C 234 -16.01 14.55 -1.74
N VAL C 235 -15.62 14.23 -0.50
CA VAL C 235 -15.19 15.27 0.48
C VAL C 235 -14.04 14.62 1.23
N GLN C 236 -12.90 15.33 1.36
CA GLN C 236 -11.78 14.76 2.12
C GLN C 236 -11.18 15.87 2.95
N TYR C 237 -10.92 15.57 4.24
CA TYR C 237 -10.32 16.60 5.17
C TYR C 237 -8.84 16.56 5.17
N ALA C 238 -8.24 17.76 4.94
CA ALA C 238 -6.81 17.89 5.04
C ALA C 238 -6.45 18.58 6.31
N LEU C 239 -5.53 18.03 7.07
CA LEU C 239 -5.08 18.59 8.37
C LEU C 239 -3.81 19.42 8.18
N MET C 240 -3.70 20.54 8.88
CA MET C 240 -2.43 21.28 8.76
C MET C 240 -2.04 21.84 10.13
N HIS C 241 -0.75 22.22 10.23
CA HIS C 241 -0.12 22.61 11.52
C HIS C 241 -0.14 24.14 11.59
N VAL C 242 -0.93 24.71 12.49
CA VAL C 242 -0.99 26.17 12.64
C VAL C 242 -0.97 26.41 14.15
N PRO C 243 0.19 26.83 14.66
CA PRO C 243 0.30 27.01 16.09
C PRO C 243 -0.78 27.88 16.74
N THR C 244 -1.15 28.95 16.03
CA THR C 244 -2.04 29.97 16.63
C THR C 244 -3.49 29.78 16.33
N TYR C 245 -3.86 28.58 15.93
CA TYR C 245 -5.31 28.18 15.94
C TYR C 245 -5.45 27.23 17.09
N PRO C 246 -6.68 27.13 17.65
CA PRO C 246 -6.86 26.38 18.85
C PRO C 246 -6.49 24.94 18.74
N CYS C 247 -5.64 24.53 19.67
CA CYS C 247 -5.02 23.17 19.67
C CYS C 247 -3.89 22.93 18.66
N GLY C 248 -3.56 23.97 17.92
CA GLY C 248 -2.38 23.93 17.01
C GLY C 248 -2.61 23.36 15.64
N SER C 249 -3.87 23.18 15.28
CA SER C 249 -4.12 22.74 13.89
C SER C 249 -5.52 23.22 13.46
N ILE C 250 -5.73 23.09 12.18
CA ILE C 250 -7.04 23.31 11.60
C ILE C 250 -7.07 22.45 10.37
N GLY C 251 -8.24 22.28 9.82
CA GLY C 251 -8.33 21.50 8.56
C GLY C 251 -9.19 22.18 7.59
N THR C 252 -9.30 21.58 6.43
CA THR C 252 -10.14 22.06 5.35
C THR C 252 -10.83 20.85 4.69
N LEU C 253 -12.13 20.94 4.46
CA LEU C 253 -12.78 19.90 3.64
C LEU C 253 -12.69 20.23 2.18
N VAL C 254 -12.00 19.39 1.46
CA VAL C 254 -11.75 19.58 0.03
C VAL C 254 -12.75 18.69 -0.72
N CYS C 255 -13.63 19.35 -1.48
CA CYS C 255 -14.82 18.68 -2.01
C CYS C 255 -14.86 18.77 -3.50
N SER C 256 -15.24 17.69 -4.20
CA SER C 256 -15.28 17.69 -5.67
C SER C 256 -16.73 17.50 -6.10
N LYS C 257 -17.20 18.39 -6.98
CA LYS C 257 -18.52 18.19 -7.60
C LYS C 257 -18.55 16.95 -8.53
N LYS C 258 -17.47 16.72 -9.26
CA LYS C 258 -17.36 15.59 -10.23
C LYS C 258 -16.97 14.33 -9.46
N ALA C 259 -17.63 13.23 -9.78
CA ALA C 259 -17.12 11.95 -9.36
C ALA C 259 -15.82 11.55 -9.97
N GLY C 260 -15.15 10.59 -9.31
CA GLY C 260 -13.95 10.08 -9.88
C GLY C 260 -12.69 10.95 -9.69
N VAL C 261 -12.78 11.90 -8.74
CA VAL C 261 -11.67 12.84 -8.53
C VAL C 261 -11.02 12.44 -7.20
N ASP C 262 -9.70 12.36 -7.25
CA ASP C 262 -8.96 12.05 -6.00
C ASP C 262 -8.16 13.27 -5.63
N VAL C 263 -8.74 14.08 -4.73
CA VAL C 263 -8.13 15.34 -4.40
C VAL C 263 -6.92 15.15 -3.50
N THR C 264 -6.76 13.91 -2.98
CA THR C 264 -5.63 13.70 -2.04
C THR C 264 -4.28 13.53 -2.68
N LYS C 265 -4.26 13.35 -4.01
CA LYS C 265 -2.98 13.26 -4.73
C LYS C 265 -3.05 14.41 -5.73
N PRO C 266 -2.02 15.29 -5.78
CA PRO C 266 -2.12 16.52 -6.61
C PRO C 266 -2.37 16.17 -8.09
N LEU C 267 -3.38 16.78 -8.65
CA LEU C 267 -3.66 16.62 -10.12
C LEU C 267 -2.67 17.39 -10.97
N ARG C 268 -2.35 18.60 -10.55
CA ARG C 268 -1.38 19.49 -11.21
C ARG C 268 -0.36 19.88 -10.15
N PRO C 269 0.73 19.06 -10.04
CA PRO C 269 1.66 19.26 -8.92
C PRO C 269 2.24 20.66 -8.95
N VAL C 270 2.41 21.22 -7.77
CA VAL C 270 2.94 22.55 -7.68
C VAL C 270 4.38 22.62 -8.24
N GLU C 271 5.09 21.52 -8.17
CA GLU C 271 6.54 21.53 -8.44
C GLU C 271 6.74 21.84 -9.88
N ASP C 272 5.71 21.64 -10.69
CA ASP C 272 5.78 21.87 -12.17
C ASP C 272 5.44 23.36 -12.44
N MET C 273 5.16 24.17 -11.40
CA MET C 273 4.74 25.57 -11.54
C MET C 273 5.89 26.49 -11.11
N PRO C 274 6.05 27.69 -11.70
CA PRO C 274 7.24 28.47 -11.40
C PRO C 274 7.41 29.07 -10.01
N PHE C 275 6.36 29.07 -9.15
CA PHE C 275 6.44 29.67 -7.80
C PHE C 275 6.57 28.60 -6.70
N ALA C 276 6.76 27.35 -7.07
CA ALA C 276 6.87 26.28 -6.05
C ALA C 276 7.94 26.58 -5.02
N LYS C 277 9.09 27.10 -5.44
CA LYS C 277 10.17 27.24 -4.54
C LYS C 277 10.06 28.46 -3.62
N ASP C 278 9.02 29.26 -3.82
CA ASP C 278 8.71 30.41 -3.01
C ASP C 278 7.80 30.08 -1.80
N LEU C 279 7.19 28.89 -1.85
CA LEU C 279 6.28 28.56 -0.73
C LEU C 279 7.03 28.09 0.50
N LYS C 280 6.50 28.48 1.64
CA LYS C 280 7.08 28.13 2.94
C LYS C 280 6.58 26.85 3.66
N TYR C 281 5.41 26.38 3.26
CA TYR C 281 4.81 25.19 3.85
C TYR C 281 4.48 24.13 2.85
N TYR C 282 3.63 24.54 1.91
CA TYR C 282 3.04 23.57 0.98
C TYR C 282 3.97 23.03 -0.12
N ASP C 283 3.91 21.71 -0.34
CA ASP C 283 4.47 21.04 -1.54
C ASP C 283 3.67 19.77 -1.75
N SER C 284 3.93 19.01 -2.82
CA SER C 284 3.11 17.83 -3.07
C SER C 284 3.22 16.81 -1.94
N GLU C 285 4.39 16.66 -1.28
CA GLU C 285 4.55 15.63 -0.19
C GLU C 285 3.68 16.09 1.00
N MET C 286 3.61 17.40 1.22
CA MET C 286 2.76 17.92 2.33
C MET C 286 1.29 17.74 1.95
N HIS C 287 0.97 17.98 0.71
CA HIS C 287 -0.45 17.85 0.26
C HIS C 287 -0.91 16.37 0.48
N LYS C 288 -0.10 15.39 0.07
CA LYS C 288 -0.45 14.03 0.29
C LYS C 288 -0.57 13.69 1.76
N ALA C 289 0.39 14.16 2.51
CA ALA C 289 0.41 13.83 3.95
C ALA C 289 -0.73 14.44 4.69
N SER C 290 -1.28 15.55 4.22
CA SER C 290 -2.34 16.21 4.96
C SER C 290 -3.62 15.44 5.11
N PHE C 291 -3.84 14.49 4.22
CA PHE C 291 -5.08 13.70 4.24
C PHE C 291 -4.94 12.40 5.05
N ALA C 292 -3.74 12.13 5.59
CA ALA C 292 -3.57 11.04 6.55
C ALA C 292 -3.93 11.59 7.92
N LEU C 293 -4.98 10.96 8.50
CA LEU C 293 -5.48 11.46 9.76
C LEU C 293 -5.20 10.46 10.87
N PRO C 294 -5.09 11.02 12.09
CA PRO C 294 -4.96 10.14 13.25
C PRO C 294 -6.09 9.12 13.22
N ARG C 295 -5.79 7.91 13.76
CA ARG C 295 -6.79 6.86 13.72
C ARG C 295 -8.14 7.34 14.25
N PHE C 296 -8.17 8.09 15.36
CA PHE C 296 -9.48 8.53 15.92
C PHE C 296 -10.34 9.33 15.01
N ALA C 297 -9.73 9.95 13.98
CA ALA C 297 -10.46 10.87 13.15
C ALA C 297 -10.55 10.27 11.73
N ARG C 298 -9.85 9.17 11.47
CA ARG C 298 -9.66 8.76 10.03
C ARG C 298 -10.92 8.37 9.31
N HIS C 299 -11.94 8.04 10.07
CA HIS C 299 -13.26 7.79 9.43
C HIS C 299 -13.83 8.99 8.63
N ILE C 300 -13.37 10.26 8.85
CA ILE C 300 -13.83 11.41 8.09
C ILE C 300 -13.47 11.15 6.61
N ASN C 301 -12.33 10.50 6.35
CA ASN C 301 -11.76 10.37 4.98
C ASN C 301 -12.02 9.01 4.38
N ASN C 302 -12.62 8.16 5.23
CA ASN C 302 -12.79 6.72 5.02
C ASN C 302 -11.51 5.82 5.01
N MET D 9 13.66 27.09 36.78
CA MET D 9 13.11 28.45 36.92
C MET D 9 11.62 28.48 37.35
N PRO D 10 10.67 27.84 36.58
CA PRO D 10 9.29 28.06 37.01
C PRO D 10 8.74 27.05 37.97
N GLY D 11 7.87 27.54 38.85
CA GLY D 11 7.13 26.61 39.70
C GLY D 11 5.66 26.80 39.97
N SER D 12 5.30 26.86 41.26
CA SER D 12 3.93 26.88 41.66
C SER D 12 3.25 28.16 41.21
N GLU D 13 4.04 29.19 40.90
CA GLU D 13 3.50 30.49 40.61
C GLU D 13 2.76 30.54 39.24
N LEU D 14 2.96 29.48 38.46
CA LEU D 14 2.25 29.38 37.17
C LEU D 14 0.76 29.07 37.33
N ILE D 15 0.30 28.61 38.50
CA ILE D 15 -1.15 28.59 38.73
C ILE D 15 -1.55 29.90 39.45
N SER D 16 -2.43 30.66 38.80
CA SER D 16 -2.91 31.94 39.33
C SER D 16 -4.31 32.17 38.81
N GLY D 17 -5.22 32.61 39.68
CA GLY D 17 -6.56 32.96 39.21
C GLY D 17 -7.33 31.87 38.46
N GLY D 18 -7.13 30.60 38.85
CA GLY D 18 -7.87 29.55 38.26
C GLY D 18 -7.28 29.02 36.94
N TRP D 19 -6.11 29.49 36.58
CA TRP D 19 -5.48 29.08 35.34
C TRP D 19 -4.09 28.64 35.59
N PHE D 20 -3.67 27.60 34.87
CA PHE D 20 -2.25 27.29 34.74
C PHE D 20 -1.75 27.94 33.42
N ARG D 21 -0.75 28.81 33.48
CA ARG D 21 -0.20 29.44 32.32
C ARG D 21 1.24 28.97 32.11
N GLU D 22 1.49 28.43 30.90
CA GLU D 22 2.81 27.80 30.63
C GLU D 22 3.77 28.86 30.11
N GLU D 23 4.12 29.81 30.98
CA GLU D 23 5.09 30.86 30.60
C GLU D 23 6.46 30.29 30.86
N ASN D 24 7.31 30.44 29.86
CA ASN D 24 8.63 29.86 29.88
C ASN D 24 9.57 30.64 28.99
N ASP D 25 10.81 30.87 29.47
CA ASP D 25 11.76 31.46 28.53
C ASP D 25 12.24 30.60 27.40
N GLN D 26 11.86 29.32 27.45
CA GLN D 26 12.08 28.51 26.23
C GLN D 26 11.09 28.76 25.11
N TRP D 27 10.06 29.55 25.37
CA TRP D 27 9.16 29.99 24.29
C TRP D 27 8.66 31.37 24.66
N PRO D 28 9.57 32.36 24.53
CA PRO D 28 9.14 33.71 24.90
C PRO D 28 7.90 34.25 24.20
N GLY D 29 7.08 34.92 25.04
CA GLY D 29 5.94 35.74 24.57
C GLY D 29 4.68 34.94 24.33
N GLN D 30 4.69 33.63 24.63
CA GLN D 30 3.50 32.83 24.39
C GLN D 30 3.29 31.92 25.57
N ALA D 31 2.05 31.54 25.79
CA ALA D 31 1.81 30.60 26.90
C ALA D 31 0.48 29.90 26.68
N MET D 32 0.53 28.58 26.57
CA MET D 32 -0.68 27.85 26.64
C MET D 32 -1.28 27.91 28.06
N SER D 33 -2.59 28.11 28.14
CA SER D 33 -3.24 28.20 29.44
C SER D 33 -4.32 27.13 29.57
N LEU D 34 -4.45 26.49 30.74
CA LEU D 34 -5.52 25.50 30.96
C LEU D 34 -6.17 25.89 32.25
N ARG D 35 -7.49 25.79 32.25
CA ARG D 35 -8.18 26.14 33.48
C ARG D 35 -7.95 25.05 34.54
N VAL D 36 -7.75 25.45 35.82
CA VAL D 36 -7.54 24.48 36.89
C VAL D 36 -8.77 24.28 37.80
N GLU D 37 -9.28 23.04 37.85
CA GLU D 37 -10.43 22.69 38.65
C GLU D 37 -9.91 22.42 40.07
N LYS D 38 -8.82 21.66 40.21
CA LYS D 38 -8.27 21.37 41.51
C LYS D 38 -6.82 21.04 41.30
N VAL D 39 -5.98 21.49 42.23
CA VAL D 39 -4.61 21.02 42.26
C VAL D 39 -4.55 19.73 42.99
N LEU D 40 -3.84 18.71 42.44
CA LEU D 40 -3.82 17.40 43.09
C LEU D 40 -2.49 17.18 43.89
N TYR D 41 -1.44 17.76 43.36
CA TYR D 41 -0.07 17.69 43.91
C TYR D 41 0.73 18.81 43.37
N ASP D 42 1.56 19.46 44.22
CA ASP D 42 2.41 20.46 43.75
C ASP D 42 3.58 20.50 44.73
N ALA D 43 4.77 20.13 44.27
CA ALA D 43 5.97 20.12 45.13
C ALA D 43 7.25 20.05 44.32
N PRO D 44 8.35 20.59 44.88
CA PRO D 44 9.69 20.22 44.37
C PRO D 44 10.02 18.76 44.75
N THR D 45 10.58 18.04 43.78
CA THR D 45 11.10 16.69 44.00
C THR D 45 12.59 16.92 44.28
N LYS D 46 13.37 15.85 44.24
CA LYS D 46 14.81 16.01 44.35
C LYS D 46 15.39 16.78 43.21
N PHE D 47 14.70 16.77 42.04
CA PHE D 47 15.24 17.31 40.80
C PHE D 47 14.48 18.42 40.09
N GLN D 48 13.16 18.36 40.22
CA GLN D 48 12.27 19.21 39.40
C GLN D 48 11.06 19.66 40.18
N HIS D 49 10.40 20.73 39.72
CA HIS D 49 9.16 21.06 40.33
C HIS D 49 8.03 20.28 39.64
N LEU D 50 7.26 19.54 40.36
CA LEU D 50 6.20 18.69 39.78
C LEU D 50 4.84 19.18 40.18
N THR D 51 3.98 19.47 39.18
CA THR D 51 2.58 19.91 39.42
C THR D 51 1.63 19.04 38.71
N ILE D 52 0.63 18.55 39.43
CA ILE D 52 -0.44 17.75 38.78
C ILE D 52 -1.77 18.43 39.17
N PHE D 53 -2.66 18.64 38.19
CA PHE D 53 -3.96 19.30 38.48
C PHE D 53 -5.05 18.63 37.62
N GLU D 54 -6.26 18.70 38.09
CA GLU D 54 -7.43 18.35 37.26
C GLU D 54 -7.85 19.63 36.55
N SER D 55 -7.94 19.56 35.21
CA SER D 55 -8.34 20.71 34.43
C SER D 55 -9.87 20.81 34.47
N ASP D 56 -10.40 21.86 33.83
CA ASP D 56 -11.88 22.12 33.82
C ASP D 56 -12.70 20.99 33.22
N PRO D 57 -13.66 20.47 33.95
CA PRO D 57 -14.37 19.32 33.45
C PRO D 57 -15.29 19.66 32.28
N LYS D 58 -15.44 20.94 32.00
CA LYS D 58 -16.20 21.34 30.81
C LYS D 58 -15.34 21.26 29.55
N GLY D 59 -14.04 21.15 29.77
CA GLY D 59 -13.10 20.94 28.66
C GLY D 59 -12.66 19.47 28.67
N PRO D 60 -11.85 19.08 27.66
CA PRO D 60 -11.59 17.64 27.48
C PRO D 60 -10.30 17.05 28.09
N TRP D 61 -9.48 17.94 28.72
CA TRP D 61 -8.08 17.63 28.90
C TRP D 61 -7.83 16.72 30.07
N GLY D 62 -8.71 16.71 31.08
CA GLY D 62 -8.55 15.79 32.20
C GLY D 62 -7.44 16.26 33.13
N THR D 63 -6.71 15.24 33.60
CA THR D 63 -5.61 15.48 34.54
C THR D 63 -4.39 15.90 33.74
N VAL D 64 -3.59 16.79 34.29
CA VAL D 64 -2.43 17.40 33.58
C VAL D 64 -1.22 17.38 34.47
N MET D 65 -0.08 17.01 33.91
CA MET D 65 1.19 17.04 34.70
C MET D 65 2.13 18.04 34.08
N ALA D 66 2.85 18.80 34.92
CA ALA D 66 3.92 19.64 34.39
C ALA D 66 5.18 19.42 35.24
N LEU D 67 6.32 19.52 34.60
CA LEU D 67 7.62 19.52 35.28
C LEU D 67 8.35 20.82 34.95
N ASP D 68 8.84 21.49 36.00
CA ASP D 68 9.57 22.74 35.78
C ASP D 68 8.71 23.69 34.94
N GLY D 69 7.39 23.56 35.18
CA GLY D 69 6.40 24.49 34.53
C GLY D 69 6.05 24.13 33.09
N CYS D 70 6.55 23.00 32.60
CA CYS D 70 6.34 22.61 31.19
C CYS D 70 5.38 21.47 31.19
N ILE D 71 4.22 21.61 30.47
CA ILE D 71 3.33 20.47 30.41
C ILE D 71 3.99 19.20 29.85
N GLN D 72 3.69 18.06 30.50
CA GLN D 72 4.28 16.76 30.13
C GLN D 72 3.24 15.82 29.51
N VAL D 73 2.09 15.71 30.15
CA VAL D 73 1.04 14.85 29.66
C VAL D 73 -0.28 15.46 30.04
N THR D 74 -1.29 15.16 29.24
CA THR D 74 -2.67 15.29 29.73
C THR D 74 -3.40 13.99 29.39
N ASP D 75 -4.50 13.74 30.10
CA ASP D 75 -5.22 12.50 29.87
C ASP D 75 -5.72 12.46 28.38
N TYR D 76 -6.17 13.61 27.85
CA TYR D 76 -6.85 13.62 26.55
C TYR D 76 -5.93 13.29 25.37
N ASP D 77 -4.72 13.83 25.39
CA ASP D 77 -3.91 13.69 24.18
C ASP D 77 -2.61 12.86 24.38
N GLU D 78 -2.41 12.23 25.53
CA GLU D 78 -1.16 11.56 25.80
C GLU D 78 -0.85 10.41 24.77
N PHE D 79 -1.95 9.82 24.23
CA PHE D 79 -1.76 8.72 23.34
C PHE D 79 -0.95 9.06 22.14
N VAL D 80 -0.95 10.32 21.74
CA VAL D 80 -0.21 10.63 20.48
C VAL D 80 1.29 10.35 20.66
N TYR D 81 1.98 11.13 21.54
CA TYR D 81 3.40 11.00 21.66
C TYR D 81 3.82 9.60 22.08
N HIS D 82 3.05 8.98 22.95
CA HIS D 82 3.44 7.65 23.43
C HIS D 82 3.31 6.64 22.28
N GLU D 83 2.22 6.74 21.45
CA GLU D 83 2.13 5.82 20.33
C GLU D 83 3.17 6.08 19.29
N VAL D 84 3.46 7.37 19.02
CA VAL D 84 4.38 7.67 17.98
C VAL D 84 5.76 7.21 18.35
N LEU D 85 6.23 7.51 19.58
CA LEU D 85 7.56 7.07 19.90
C LEU D 85 7.60 5.58 20.02
N GLY D 86 6.60 4.95 20.66
CA GLY D 86 6.79 3.47 20.84
C GLY D 86 6.71 2.70 19.51
N HIS D 87 5.77 3.09 18.65
CA HIS D 87 5.53 2.32 17.48
C HIS D 87 6.37 2.73 16.32
N THR D 88 6.59 4.02 16.19
CA THR D 88 7.50 4.36 15.04
C THR D 88 8.87 3.68 15.17
N SER D 89 9.39 3.59 16.40
CA SER D 89 10.71 3.00 16.60
C SER D 89 10.61 1.47 16.49
N LEU D 90 9.64 0.86 17.19
CA LEU D 90 9.58 -0.64 17.17
C LEU D 90 9.22 -1.19 15.82
N CYS D 91 8.35 -0.47 15.09
CA CYS D 91 7.93 -0.94 13.77
C CYS D 91 9.06 -0.63 12.74
N SER D 92 10.15 0.03 13.12
CA SER D 92 11.31 0.19 12.20
C SER D 92 12.35 -0.86 12.48
N HIS D 93 12.11 -1.77 13.41
CA HIS D 93 13.15 -2.75 13.78
C HIS D 93 12.65 -4.11 13.38
N PRO D 94 13.58 -5.00 12.92
CA PRO D 94 13.12 -6.34 12.48
C PRO D 94 12.61 -7.29 13.51
N LYS D 95 13.08 -7.11 14.75
CA LYS D 95 12.67 -8.00 15.83
C LYS D 95 13.13 -7.45 17.20
N PRO D 96 12.40 -6.46 17.71
CA PRO D 96 12.90 -5.77 18.89
C PRO D 96 12.63 -6.49 20.12
N GLU D 97 13.70 -7.00 20.79
CA GLU D 97 13.51 -7.88 21.96
C GLU D 97 13.99 -7.24 23.22
N ARG D 98 14.96 -6.33 23.12
CA ARG D 98 15.49 -5.64 24.33
C ARG D 98 15.47 -4.13 24.04
N VAL D 99 14.77 -3.41 24.91
CA VAL D 99 14.46 -1.99 24.70
C VAL D 99 14.94 -1.20 25.91
N LEU D 100 15.48 0.01 25.65
CA LEU D 100 15.80 0.92 26.76
C LEU D 100 14.98 2.22 26.61
N ILE D 101 14.33 2.66 27.69
CA ILE D 101 13.67 3.98 27.74
C ILE D 101 14.50 4.82 28.73
N ILE D 102 14.98 5.98 28.29
CA ILE D 102 15.63 6.89 29.20
C ILE D 102 14.56 7.97 29.40
N GLY D 103 14.33 8.37 30.64
CA GLY D 103 13.18 9.24 30.92
C GLY D 103 11.93 8.35 30.99
N GLY D 104 10.83 8.93 30.52
CA GLY D 104 9.60 8.16 30.41
C GLY D 104 9.01 7.66 31.74
N GLY D 105 9.33 8.32 32.85
CA GLY D 105 8.83 7.84 34.14
C GLY D 105 7.33 7.78 34.32
N ASP D 106 6.57 8.42 33.45
CA ASP D 106 5.11 8.32 33.55
C ASP D 106 4.62 6.95 33.08
N GLY D 107 5.48 6.24 32.30
CA GLY D 107 5.17 4.90 31.84
C GLY D 107 4.47 4.81 30.46
N GLY D 108 4.20 5.94 29.82
CA GLY D 108 3.37 5.92 28.58
C GLY D 108 4.09 5.20 27.39
N VAL D 109 5.34 5.59 27.13
CA VAL D 109 6.09 4.88 26.09
C VAL D 109 6.18 3.39 26.45
N LEU D 110 6.53 3.07 27.72
CA LEU D 110 6.66 1.66 28.09
C LEU D 110 5.32 0.92 27.80
N ARG D 111 4.21 1.56 28.12
CA ARG D 111 2.89 0.88 27.85
C ARG D 111 2.81 0.52 26.38
N GLU D 112 3.29 1.43 25.51
CA GLU D 112 3.14 1.14 24.06
C GLU D 112 4.16 0.07 23.63
N VAL D 113 5.43 0.20 24.12
CA VAL D 113 6.45 -0.79 23.81
C VAL D 113 5.96 -2.22 24.15
N LEU D 114 5.34 -2.37 25.30
CA LEU D 114 5.02 -3.71 25.83
C LEU D 114 3.80 -4.25 25.12
N ARG D 115 3.12 -3.49 24.29
CA ARG D 115 2.15 -4.11 23.33
C ARG D 115 2.81 -5.07 22.35
N HIS D 116 4.08 -4.88 22.04
CA HIS D 116 4.83 -5.75 21.09
C HIS D 116 5.28 -7.06 21.74
N GLY D 117 4.69 -8.11 21.19
CA GLY D 117 4.99 -9.51 21.59
C GLY D 117 6.45 -9.90 21.50
N THR D 118 7.21 -9.24 20.61
CA THR D 118 8.67 -9.50 20.43
C THR D 118 9.49 -9.04 21.68
N VAL D 119 8.94 -8.07 22.49
CA VAL D 119 9.73 -7.48 23.58
C VAL D 119 9.88 -8.48 24.77
N GLU D 120 11.12 -8.89 25.03
CA GLU D 120 11.41 -9.78 26.13
C GLU D 120 11.70 -8.99 27.43
N HIS D 121 12.33 -7.82 27.28
CA HIS D 121 12.70 -7.03 28.46
C HIS D 121 12.82 -5.50 28.01
N CYS D 122 12.34 -4.60 28.88
CA CYS D 122 12.59 -3.20 28.70
C CYS D 122 13.15 -2.64 29.97
N ASP D 123 14.27 -1.95 29.85
CA ASP D 123 14.77 -1.16 31.01
C ASP D 123 14.28 0.26 30.89
N LEU D 124 13.84 0.83 31.98
CA LEU D 124 13.42 2.25 32.03
C LEU D 124 14.20 2.99 33.11
N VAL D 125 14.86 4.06 32.74
CA VAL D 125 15.76 4.77 33.68
C VAL D 125 15.35 6.24 33.66
N ASP D 126 14.79 6.70 34.79
CA ASP D 126 14.34 8.09 34.92
C ASP D 126 15.03 8.68 36.13
N ILE D 127 15.56 9.90 35.97
CA ILE D 127 16.29 10.52 37.10
C ILE D 127 15.36 10.75 38.34
N ASP D 128 14.07 10.94 38.09
CA ASP D 128 13.14 11.50 39.11
C ASP D 128 12.13 10.45 39.49
N GLY D 129 12.42 9.77 40.63
CA GLY D 129 11.52 8.74 41.07
C GLY D 129 10.14 9.19 41.50
N GLU D 130 9.99 10.46 41.74
CA GLU D 130 8.71 11.02 42.10
C GLU D 130 7.75 11.06 40.94
N VAL D 131 8.32 11.17 39.73
CA VAL D 131 7.44 11.14 38.53
C VAL D 131 6.75 9.78 38.43
N MET D 132 7.52 8.69 38.63
CA MET D 132 6.84 7.34 38.60
C MET D 132 5.82 7.26 39.69
N GLU D 133 6.18 7.73 40.89
CA GLU D 133 5.19 7.57 41.98
C GLU D 133 3.91 8.36 41.76
N GLN D 134 4.05 9.59 41.29
CA GLN D 134 2.84 10.43 41.07
C GLN D 134 2.10 9.95 39.81
N SER D 135 2.80 9.33 38.84
CA SER D 135 2.08 8.86 37.71
C SER D 135 1.27 7.60 38.06
N LYS D 136 1.83 6.73 38.93
CA LYS D 136 1.02 5.64 39.53
C LYS D 136 -0.19 6.18 40.33
N GLN D 137 -0.03 7.29 41.01
CA GLN D 137 -1.16 7.81 41.79
C GLN D 137 -2.24 8.48 40.93
N HIS D 138 -1.82 9.27 39.92
CA HIS D 138 -2.73 10.21 39.30
C HIS D 138 -2.95 9.91 37.83
N PHE D 139 -2.15 8.99 37.26
CA PHE D 139 -2.32 8.59 35.86
C PHE D 139 -2.28 7.12 35.66
N PRO D 140 -3.23 6.39 36.24
CA PRO D 140 -3.14 4.94 36.18
C PRO D 140 -3.19 4.33 34.77
N GLN D 141 -3.87 4.99 33.85
CA GLN D 141 -3.95 4.45 32.48
C GLN D 141 -2.61 4.65 31.71
N ILE D 142 -1.77 5.55 32.25
CA ILE D 142 -0.45 5.79 31.58
C ILE D 142 0.59 4.95 32.28
N SER D 143 0.44 4.79 33.62
CA SER D 143 1.45 4.12 34.40
C SER D 143 1.32 2.67 34.70
N ARG D 144 0.26 2.07 34.14
CA ARG D 144 -0.07 0.67 34.43
C ARG D 144 1.13 -0.22 34.11
N SER D 145 1.86 0.12 33.06
CA SER D 145 3.03 -0.58 32.62
C SER D 145 4.22 -0.72 33.56
N LEU D 146 4.30 0.22 34.48
CA LEU D 146 5.54 0.32 35.27
C LEU D 146 5.74 -0.88 36.12
N ALA D 147 4.62 -1.53 36.47
CA ALA D 147 4.68 -2.74 37.30
C ALA D 147 4.83 -4.06 36.53
N ASP D 148 5.03 -4.00 35.23
CA ASP D 148 5.08 -5.17 34.43
C ASP D 148 6.34 -5.98 34.62
N PRO D 149 6.25 -7.31 34.78
CA PRO D 149 7.43 -8.15 34.97
C PRO D 149 8.45 -8.10 33.87
N ARG D 150 8.05 -7.64 32.65
CA ARG D 150 9.00 -7.47 31.56
C ARG D 150 9.83 -6.17 31.65
N ALA D 151 9.50 -5.30 32.58
CA ALA D 151 10.20 -4.02 32.75
C ALA D 151 11.05 -4.03 34.00
N THR D 152 12.20 -3.39 33.90
CA THR D 152 12.97 -3.06 35.12
C THR D 152 13.06 -1.57 35.14
N VAL D 153 12.39 -0.97 36.16
CA VAL D 153 12.32 0.48 36.32
C VAL D 153 13.39 0.90 37.37
N ARG D 154 14.28 1.81 36.98
CA ARG D 154 15.39 2.28 37.76
C ARG D 154 15.32 3.79 37.91
N VAL D 155 15.69 4.33 39.09
CA VAL D 155 15.80 5.78 39.28
C VAL D 155 17.24 6.14 39.17
N GLY D 156 17.55 6.98 38.21
CA GLY D 156 18.96 7.35 37.96
C GLY D 156 19.05 8.19 36.74
N ASP D 157 20.20 8.84 36.60
CA ASP D 157 20.52 9.65 35.45
C ASP D 157 20.85 8.81 34.21
N GLY D 158 20.15 9.09 33.15
CA GLY D 158 20.36 8.43 31.85
C GLY D 158 21.77 8.46 31.32
N LEU D 159 22.44 9.60 31.51
CA LEU D 159 23.82 9.71 31.00
C LEU D 159 24.76 8.73 31.72
N ALA D 160 24.65 8.65 33.03
CA ALA D 160 25.43 7.66 33.81
C ALA D 160 25.08 6.26 33.45
N PHE D 161 23.80 6.05 33.18
CA PHE D 161 23.36 4.68 32.85
C PHE D 161 24.02 4.18 31.57
N VAL D 162 23.96 4.98 30.53
CA VAL D 162 24.43 4.50 29.24
C VAL D 162 25.94 4.42 29.33
N ARG D 163 26.61 5.23 30.17
CA ARG D 163 28.09 5.07 30.26
C ARG D 163 28.52 3.75 30.91
N GLN D 164 27.64 3.11 31.66
CA GLN D 164 27.98 1.87 32.36
C GLN D 164 27.44 0.70 31.52
N THR D 165 26.75 0.98 30.41
CA THR D 165 26.08 -0.16 29.67
C THR D 165 27.04 -0.70 28.58
N PRO D 166 27.05 -2.01 28.32
CA PRO D 166 27.91 -2.61 27.29
C PRO D 166 27.58 -2.18 25.89
N ASP D 167 28.53 -2.31 24.99
CA ASP D 167 28.20 -2.21 23.57
C ASP D 167 27.14 -3.20 23.18
N ASN D 168 26.33 -2.85 22.19
CA ASN D 168 25.42 -3.83 21.53
C ASN D 168 24.45 -4.49 22.51
N THR D 169 23.92 -3.68 23.42
CA THR D 169 22.98 -4.20 24.43
C THR D 169 21.53 -4.18 23.93
N TYR D 170 21.15 -3.09 23.27
CA TYR D 170 19.75 -2.83 23.01
C TYR D 170 19.36 -2.85 21.54
N ASP D 171 18.14 -3.30 21.24
CA ASP D 171 17.58 -3.21 19.87
C ASP D 171 17.02 -1.82 19.63
N VAL D 172 16.44 -1.22 20.66
CA VAL D 172 15.86 0.14 20.49
C VAL D 172 16.17 0.90 21.74
N VAL D 173 16.52 2.20 21.57
CA VAL D 173 16.60 3.11 22.74
C VAL D 173 15.69 4.31 22.46
N ILE D 174 14.77 4.55 23.38
CA ILE D 174 13.81 5.67 23.32
C ILE D 174 14.16 6.67 24.39
N ILE D 175 14.41 7.94 23.98
CA ILE D 175 14.89 8.97 24.85
C ILE D 175 13.71 9.95 25.05
N ASP D 176 12.90 9.69 26.14
CA ASP D 176 11.67 10.42 26.37
C ASP D 176 11.97 11.37 27.49
N THR D 177 12.53 12.51 27.14
CA THR D 177 13.05 13.47 28.14
C THR D 177 12.25 14.77 28.18
N THR D 178 12.43 15.48 29.31
CA THR D 178 12.03 16.89 29.37
C THR D 178 12.87 17.79 28.45
N ASP D 179 12.45 19.05 28.41
CA ASP D 179 13.14 20.07 27.63
C ASP D 179 14.60 20.22 28.13
N PRO D 180 15.47 20.86 27.33
CA PRO D 180 16.89 21.03 27.71
C PRO D 180 17.15 21.82 28.97
N ALA D 181 16.27 22.76 29.37
CA ALA D 181 16.52 23.41 30.65
C ALA D 181 16.12 22.52 31.78
N GLY D 182 17.10 22.09 32.58
CA GLY D 182 16.82 21.21 33.68
C GLY D 182 17.70 19.97 33.60
N PRO D 183 17.31 18.89 34.30
CA PRO D 183 18.17 17.67 34.35
C PRO D 183 18.37 16.98 33.02
N ALA D 184 17.57 17.23 32.00
CA ALA D 184 17.83 16.58 30.74
C ALA D 184 18.87 17.25 29.89
N SER D 185 19.51 18.32 30.38
CA SER D 185 20.41 19.14 29.51
C SER D 185 21.40 18.31 28.72
N LYS D 186 22.12 17.41 29.44
CA LYS D 186 23.17 16.70 28.72
C LYS D 186 22.62 15.60 27.78
N LEU D 187 21.31 15.29 27.87
CA LEU D 187 20.71 14.32 26.96
C LEU D 187 20.40 14.85 25.58
N PHE D 188 20.61 16.17 25.39
CA PHE D 188 20.55 16.84 24.09
C PHE D 188 21.92 17.03 23.50
N GLY D 189 22.90 16.31 24.08
CA GLY D 189 24.30 16.64 23.71
C GLY D 189 25.01 15.49 23.03
N GLU D 190 26.13 15.82 22.34
CA GLU D 190 26.74 14.82 21.45
C GLU D 190 27.40 13.67 22.23
N ALA D 191 27.95 13.91 23.44
CA ALA D 191 28.57 12.80 24.23
C ALA D 191 27.55 11.73 24.58
N PHE D 192 26.35 12.17 24.92
CA PHE D 192 25.31 11.18 25.18
C PHE D 192 25.01 10.38 23.93
N TYR D 193 24.81 11.05 22.80
CA TYR D 193 24.48 10.31 21.53
C TYR D 193 25.60 9.30 21.06
N LYS D 194 26.85 9.66 21.33
CA LYS D 194 27.95 8.73 21.09
C LYS D 194 27.70 7.43 21.88
N ASP D 195 27.28 7.57 23.14
CA ASP D 195 27.05 6.34 23.92
C ASP D 195 25.80 5.63 23.45
N VAL D 196 24.73 6.39 23.13
CA VAL D 196 23.51 5.72 22.60
C VAL D 196 23.83 4.87 21.32
N LEU D 197 24.72 5.36 20.42
CA LEU D 197 25.08 4.63 19.23
C LEU D 197 25.80 3.36 19.65
N ARG D 198 26.73 3.55 20.62
CA ARG D 198 27.54 2.40 21.13
C ARG D 198 26.67 1.27 21.71
N ILE D 199 25.63 1.61 22.45
CA ILE D 199 24.91 0.57 23.19
C ILE D 199 23.85 -0.07 22.34
N LEU D 200 23.60 0.47 21.15
CA LEU D 200 22.67 -0.19 20.19
C LEU D 200 23.36 -1.33 19.43
N LYS D 201 22.63 -2.40 19.23
CA LYS D 201 23.01 -3.53 18.35
C LYS D 201 23.11 -3.01 16.93
N PRO D 202 23.74 -3.79 16.03
CA PRO D 202 23.90 -3.35 14.63
C PRO D 202 22.63 -2.89 13.91
N ASP D 203 21.48 -3.48 14.20
CA ASP D 203 20.18 -3.21 13.64
C ASP D 203 19.41 -2.16 14.46
N GLY D 204 20.10 -1.47 15.34
CA GLY D 204 19.44 -0.65 16.35
C GLY D 204 18.75 0.59 15.80
N ILE D 205 17.71 1.00 16.51
CA ILE D 205 16.93 2.23 16.26
C ILE D 205 16.92 3.02 17.51
N CYS D 206 17.12 4.32 17.39
CA CYS D 206 16.77 5.20 18.48
C CYS D 206 15.85 6.29 18.10
N CYS D 207 15.06 6.73 19.07
CA CYS D 207 14.32 7.99 18.84
C CYS D 207 14.25 8.80 20.13
N ASN D 208 13.85 10.10 19.98
CA ASN D 208 13.94 10.99 21.10
C ASN D 208 12.82 11.95 21.20
N GLN D 209 12.86 12.76 22.24
CA GLN D 209 11.96 13.88 22.27
C GLN D 209 12.66 15.00 21.53
N GLY D 210 12.21 15.21 20.30
CA GLY D 210 12.95 16.04 19.29
C GLY D 210 12.58 17.48 19.19
N GLU D 211 11.75 17.98 20.11
CA GLU D 211 11.41 19.44 20.13
C GLU D 211 10.68 19.93 18.89
N SER D 212 10.54 21.27 18.76
CA SER D 212 9.49 21.86 17.91
C SER D 212 10.10 22.52 16.66
N ILE D 213 9.53 22.27 15.50
CA ILE D 213 10.04 22.98 14.25
C ILE D 213 9.76 24.49 14.26
N TRP D 214 8.93 24.95 15.17
CA TRP D 214 8.52 26.36 15.17
C TRP D 214 9.39 27.12 16.14
N LEU D 215 9.92 26.43 17.17
CA LEU D 215 10.68 27.08 18.25
C LEU D 215 12.14 26.66 18.34
N ASP D 216 12.48 25.49 17.84
CA ASP D 216 13.78 24.90 18.04
C ASP D 216 14.38 24.42 16.73
N LEU D 217 14.13 25.00 15.54
CA LEU D 217 14.59 24.40 14.28
C LEU D 217 16.12 24.37 14.22
N GLU D 218 16.77 25.40 14.77
CA GLU D 218 18.26 25.42 14.90
C GLU D 218 18.82 24.22 15.68
N LEU D 219 18.19 23.92 16.80
CA LEU D 219 18.59 22.80 17.64
C LEU D 219 18.37 21.51 16.92
N ILE D 220 17.21 21.41 16.29
CA ILE D 220 16.92 20.16 15.64
C ILE D 220 17.90 19.89 14.48
N GLU D 221 18.22 20.93 13.72
CA GLU D 221 19.17 20.70 12.61
C GLU D 221 20.57 20.35 13.23
N LYS D 222 20.94 20.96 14.34
CA LYS D 222 22.28 20.72 15.07
C LYS D 222 22.34 19.28 15.53
N MET D 223 21.24 18.82 16.10
CA MET D 223 21.33 17.47 16.68
C MET D 223 21.29 16.47 15.56
N SER D 224 20.53 16.72 14.51
CA SER D 224 20.43 15.79 13.40
C SER D 224 21.82 15.65 12.79
N ARG D 225 22.55 16.76 12.70
CA ARG D 225 23.88 16.73 12.11
C ARG D 225 24.85 16.00 13.03
N PHE D 226 24.87 16.27 14.33
CA PHE D 226 25.83 15.58 15.20
C PHE D 226 25.49 14.09 15.38
N ILE D 227 24.18 13.75 15.32
CA ILE D 227 23.86 12.33 15.43
C ILE D 227 24.35 11.56 14.21
N ARG D 228 24.19 12.12 13.01
CA ARG D 228 24.71 11.47 11.82
C ARG D 228 26.22 11.39 11.97
N GLU D 229 26.88 12.50 12.39
CA GLU D 229 28.34 12.48 12.50
C GLU D 229 28.90 11.49 13.54
N THR D 230 28.17 11.32 14.63
CA THR D 230 28.48 10.30 15.62
C THR D 230 28.65 8.93 14.97
N GLY D 231 27.95 8.66 13.88
CA GLY D 231 27.95 7.40 13.10
C GLY D 231 26.62 6.69 12.87
N PHE D 232 25.49 7.34 13.22
CA PHE D 232 24.24 6.71 12.79
C PHE D 232 24.11 6.77 11.27
N ALA D 233 23.52 5.71 10.64
CA ALA D 233 23.40 5.63 9.13
C ALA D 233 22.39 6.61 8.59
N SER D 234 21.31 6.82 9.37
CA SER D 234 20.34 7.83 8.96
C SER D 234 19.63 8.47 10.16
N VAL D 235 19.12 9.67 9.95
CA VAL D 235 18.40 10.42 11.04
C VAL D 235 17.26 11.13 10.30
N GLN D 236 16.00 10.89 10.74
CA GLN D 236 14.82 11.56 10.09
C GLN D 236 13.86 11.96 11.15
N TYR D 237 13.38 13.21 11.04
CA TYR D 237 12.47 13.76 12.05
C TYR D 237 11.03 13.50 11.67
N ALA D 238 10.29 12.94 12.64
CA ALA D 238 8.85 12.64 12.52
C ALA D 238 8.05 13.65 13.31
N LEU D 239 7.08 14.30 12.63
CA LEU D 239 6.32 15.38 13.24
C LEU D 239 4.97 14.81 13.66
N MET D 240 4.48 15.27 14.78
CA MET D 240 3.20 14.75 15.29
C MET D 240 2.37 15.86 15.95
N HIS D 241 1.07 15.69 15.92
CA HIS D 241 0.13 16.66 16.45
C HIS D 241 -0.21 16.44 17.95
N VAL D 242 0.31 17.32 18.84
CA VAL D 242 -0.01 17.23 20.28
C VAL D 242 -0.44 18.62 20.75
N PRO D 243 -1.71 18.84 20.98
CA PRO D 243 -2.23 20.19 21.30
C PRO D 243 -1.53 20.79 22.52
N THR D 244 -1.20 19.95 23.47
CA THR D 244 -0.65 20.50 24.74
C THR D 244 0.86 20.52 24.88
N TYR D 245 1.58 20.37 23.75
CA TYR D 245 2.96 20.83 23.70
C TYR D 245 3.08 22.13 22.96
N PRO D 246 4.12 22.94 23.27
CA PRO D 246 4.16 24.28 22.77
C PRO D 246 4.06 24.34 21.26
N CYS D 247 3.18 25.21 20.78
CA CYS D 247 2.87 25.34 19.35
C CYS D 247 2.00 24.26 18.77
N GLY D 248 1.65 23.25 19.58
CA GLY D 248 0.76 22.25 18.99
C GLY D 248 1.40 21.02 18.39
N SER D 249 2.69 20.93 18.49
CA SER D 249 3.33 19.76 17.88
C SER D 249 4.64 19.46 18.57
N ILE D 250 5.17 18.29 18.28
CA ILE D 250 6.51 17.95 18.78
C ILE D 250 7.01 16.98 17.71
N GLY D 251 8.30 16.65 17.71
CA GLY D 251 8.76 15.58 16.84
C GLY D 251 9.72 14.68 17.52
N THR D 252 10.20 13.75 16.73
CA THR D 252 11.11 12.73 17.23
C THR D 252 12.14 12.49 16.14
N LEU D 253 13.43 12.58 16.48
CA LEU D 253 14.43 12.12 15.52
C LEU D 253 14.57 10.61 15.56
N VAL D 254 14.25 9.97 14.44
CA VAL D 254 14.31 8.49 14.36
C VAL D 254 15.56 8.13 13.63
N CYS D 255 16.41 7.39 14.33
CA CYS D 255 17.80 7.20 13.88
C CYS D 255 18.10 5.73 13.77
N SER D 256 18.72 5.38 12.67
CA SER D 256 19.03 3.96 12.39
C SER D 256 20.53 3.77 12.42
N LYS D 257 20.97 2.74 13.14
CA LYS D 257 22.40 2.41 13.10
C LYS D 257 22.82 1.72 11.79
N LYS D 258 21.93 0.95 11.23
CA LYS D 258 22.28 0.17 10.06
C LYS D 258 22.03 0.95 8.81
N ALA D 259 23.05 0.94 7.97
CA ALA D 259 22.94 1.48 6.64
C ALA D 259 21.91 0.75 5.79
N GLY D 260 21.20 1.54 4.96
CA GLY D 260 20.20 0.97 4.05
C GLY D 260 18.78 0.80 4.60
N VAL D 261 18.60 1.16 5.85
CA VAL D 261 17.28 1.05 6.43
C VAL D 261 16.54 2.38 6.22
N ASP D 262 15.24 2.29 5.88
CA ASP D 262 14.42 3.50 5.56
C ASP D 262 13.38 3.57 6.66
N VAL D 263 13.67 4.41 7.66
CA VAL D 263 12.71 4.37 8.84
C VAL D 263 11.36 4.96 8.45
N THR D 264 11.31 5.64 7.32
CA THR D 264 10.10 6.42 6.98
C THR D 264 8.98 5.54 6.44
N LYS D 265 9.26 4.29 6.07
CA LYS D 265 8.30 3.26 5.67
C LYS D 265 8.39 2.12 6.66
N PRO D 266 7.26 1.78 7.28
CA PRO D 266 7.41 0.79 8.38
C PRO D 266 8.01 -0.55 7.89
N LEU D 267 9.02 -1.01 8.62
CA LEU D 267 9.65 -2.32 8.43
C LEU D 267 8.78 -3.47 8.82
N ARG D 268 8.06 -3.31 9.95
CA ARG D 268 7.17 -4.31 10.48
C ARG D 268 5.88 -3.58 10.78
N PRO D 269 4.94 -3.60 9.86
CA PRO D 269 3.76 -2.69 10.03
C PRO D 269 2.90 -3.10 11.19
N VAL D 270 2.40 -2.11 11.93
CA VAL D 270 1.62 -2.44 13.09
C VAL D 270 0.30 -3.16 12.74
N GLU D 271 -0.17 -3.05 11.50
CA GLU D 271 -1.45 -3.60 11.10
C GLU D 271 -1.42 -5.15 11.18
N ASP D 272 -0.24 -5.70 11.15
CA ASP D 272 0.05 -7.16 11.16
C ASP D 272 0.03 -7.65 12.58
N MET D 273 -0.28 -6.77 13.53
CA MET D 273 -0.15 -7.09 14.97
C MET D 273 -1.50 -6.96 15.58
N PRO D 274 -1.83 -7.77 16.63
CA PRO D 274 -3.25 -7.77 17.06
C PRO D 274 -3.77 -6.55 17.78
N PHE D 275 -2.88 -5.63 18.19
CA PHE D 275 -3.29 -4.46 18.91
C PHE D 275 -3.39 -3.23 18.05
N ALA D 276 -3.11 -3.36 16.75
CA ALA D 276 -3.23 -2.18 15.92
C ALA D 276 -4.62 -1.57 16.05
N LYS D 277 -5.66 -2.40 16.15
CA LYS D 277 -6.99 -1.76 16.19
C LYS D 277 -7.25 -1.00 17.48
N ASP D 278 -6.40 -1.11 18.49
CA ASP D 278 -6.56 -0.43 19.78
C ASP D 278 -5.96 0.96 19.80
N LEU D 279 -5.11 1.25 18.83
CA LEU D 279 -4.36 2.53 18.89
C LEU D 279 -5.29 3.68 18.46
N LYS D 280 -5.02 4.85 19.01
CA LYS D 280 -5.89 6.01 18.80
C LYS D 280 -5.30 6.99 17.80
N TYR D 281 -3.98 6.94 17.61
CA TYR D 281 -3.34 7.84 16.67
C TYR D 281 -2.54 7.18 15.58
N TYR D 282 -1.58 6.35 16.00
CA TYR D 282 -0.64 5.81 15.01
C TYR D 282 -1.19 4.64 14.18
N ASP D 283 -0.77 4.64 12.91
CA ASP D 283 -0.88 3.48 12.02
C ASP D 283 0.15 3.71 10.93
N SER D 284 0.19 2.80 9.92
CA SER D 284 1.25 2.92 8.92
C SER D 284 1.10 4.12 8.03
N GLU D 285 -0.12 4.57 7.78
CA GLU D 285 -0.31 5.83 7.01
C GLU D 285 0.23 7.00 7.74
N MET D 286 -0.14 7.11 9.06
CA MET D 286 0.44 8.21 9.84
C MET D 286 1.95 8.14 9.99
N HIS D 287 2.50 6.92 10.09
CA HIS D 287 3.93 6.76 10.20
C HIS D 287 4.58 7.40 8.95
N LYS D 288 4.14 7.01 7.78
CA LYS D 288 4.75 7.60 6.56
C LYS D 288 4.51 9.12 6.48
N ALA D 289 3.32 9.55 6.86
CA ALA D 289 2.95 10.96 6.73
C ALA D 289 3.81 11.81 7.63
N SER D 290 4.23 11.21 8.79
CA SER D 290 4.92 12.02 9.82
C SER D 290 6.26 12.55 9.38
N PHE D 291 6.83 11.96 8.34
CA PHE D 291 8.21 12.45 7.94
C PHE D 291 8.06 13.42 6.81
N ALA D 292 6.82 13.78 6.41
CA ALA D 292 6.65 14.91 5.43
C ALA D 292 6.64 16.18 6.21
N LEU D 293 7.64 17.03 5.94
CA LEU D 293 7.81 18.29 6.66
C LEU D 293 7.45 19.53 5.84
N PRO D 294 6.99 20.58 6.52
CA PRO D 294 6.82 21.83 5.82
C PRO D 294 8.08 22.24 5.07
N ARG D 295 7.93 22.92 3.93
CA ARG D 295 9.17 23.33 3.20
C ARG D 295 10.20 24.02 4.06
N PHE D 296 9.77 24.88 4.97
CA PHE D 296 10.78 25.64 5.82
C PHE D 296 11.59 24.74 6.74
N ALA D 297 11.07 23.55 7.07
CA ALA D 297 11.75 22.49 7.89
C ALA D 297 12.34 21.34 7.13
N ARG D 298 12.17 21.29 5.80
CA ARG D 298 12.46 20.06 5.05
C ARG D 298 13.95 19.75 5.10
N HIS D 299 14.82 20.76 5.32
CA HIS D 299 16.23 20.48 5.39
C HIS D 299 16.64 19.53 6.49
N ILE D 300 15.82 19.39 7.54
CA ILE D 300 16.11 18.42 8.55
C ILE D 300 16.15 17.01 7.95
N ASN D 301 15.22 16.72 7.05
CA ASN D 301 15.12 15.35 6.45
C ASN D 301 15.70 15.19 5.05
N ASN D 302 16.00 16.35 4.47
CA ASN D 302 16.69 16.51 3.18
C ASN D 302 15.82 16.85 1.97
#